data_3ZC6
#
_entry.id   3ZC6
#
_cell.length_a   57.170
_cell.length_b   117.725
_cell.length_c   105.831
_cell.angle_alpha   90.00
_cell.angle_beta   97.66
_cell.angle_gamma   90.00
#
_symmetry.space_group_name_H-M   'P 1 21 1'
#
loop_
_entity.id
_entity.type
_entity.pdbx_description
1 polymer 'TYROSINE-PROTEIN KINASE JAK3'
2 non-polymer N-[(2R)-1-(3-cyanoazetidin-1-yl)-1-oxidanylidene-propan-2-yl]-2-(6-fluoranyl-1-methyl-indazol-3-yl)-5H-pyrrolo[2,3-b]pyrazine-7-carboxamide
3 non-polymer DI(HYDROXYETHYL)ETHER
4 non-polymer 'CHLORIDE ION'
5 non-polymer 'TETRAETHYLENE GLYCOL'
6 water water
#
_entity_poly.entity_id   1
_entity_poly.type   'polypeptide(L)'
_entity_poly.pdbx_seq_one_letter_code
;DPTIFEERHLKYISQLGKGNFGSVELCRYDPLGDNTGALVAVKQLQHSGPDQQRDFQREIQILKALHSDFIVKYRGVSYG
PGRQSLRLVMEYLPSGCLRDFLQRHRARLDASRLLLYSSQICKGMEYLGSRRCVHRDLAARNILVESEAHVKIADFGLAK
LLPLDKD(PTR)(PTR)VVREPGQSPIFWYAPESLSDNIFSRQSDVWSFGVVLYELFTYCDKSCSPSAEFLRMMGSERDV
PALSRLLELLEEGQRLPAPPACPAEVHELMKLCWAPSPQDRPSFSALGPQLDMLWS
;
_entity_poly.pdbx_strand_id   A,B,C,D
#
loop_
_chem_comp.id
_chem_comp.type
_chem_comp.name
_chem_comp.formula
CL non-polymer 'CHLORIDE ION' 'Cl -1'
PEG non-polymer DI(HYDROXYETHYL)ETHER 'C4 H10 O3'
PG4 non-polymer 'TETRAETHYLENE GLYCOL' 'C8 H18 O5'
VFC non-polymer N-[(2R)-1-(3-cyanoazetidin-1-yl)-1-oxidanylidene-propan-2-yl]-2-(6-fluoranyl-1-methyl-indazol-3-yl)-5H-pyrrolo[2,3-b]pyrazine-7-carboxamide 'C22 H19 F N8 O2'
#
# COMPACT_ATOMS: atom_id res chain seq x y z
N PRO A 2 7.55 -29.93 -31.92
CA PRO A 2 7.38 -28.50 -31.72
C PRO A 2 6.40 -28.16 -30.57
N THR A 3 5.14 -28.59 -30.72
CA THR A 3 4.09 -28.51 -29.70
C THR A 3 4.14 -29.72 -28.71
N ILE A 4 5.02 -30.69 -28.98
CA ILE A 4 5.23 -31.83 -28.08
C ILE A 4 6.58 -31.70 -27.37
N PHE A 5 6.51 -31.59 -26.05
CA PHE A 5 7.67 -31.49 -25.17
C PHE A 5 7.90 -32.83 -24.46
N GLU A 6 9.07 -33.43 -24.68
CA GLU A 6 9.42 -34.68 -24.01
C GLU A 6 9.74 -34.44 -22.53
N GLU A 7 9.01 -35.15 -21.66
CA GLU A 7 9.09 -35.02 -20.20
C GLU A 7 10.53 -34.96 -19.66
N ARG A 8 11.38 -35.88 -20.12
CA ARG A 8 12.72 -36.03 -19.57
C ARG A 8 13.69 -34.86 -19.86
N HIS A 9 13.33 -33.99 -20.81
CA HIS A 9 14.10 -32.78 -21.13
C HIS A 9 13.61 -31.51 -20.40
N LEU A 10 12.51 -31.60 -19.64
CA LEU A 10 12.08 -30.50 -18.76
C LEU A 10 12.89 -30.48 -17.47
N LYS A 11 13.75 -29.48 -17.33
CA LYS A 11 14.59 -29.31 -16.17
C LYS A 11 13.83 -28.38 -15.23
N TYR A 12 13.45 -28.90 -14.07
CA TYR A 12 12.71 -28.14 -13.05
C TYR A 12 13.61 -27.13 -12.36
N ILE A 13 13.18 -25.86 -12.35
CA ILE A 13 13.91 -24.82 -11.62
C ILE A 13 13.23 -24.55 -10.27
N SER A 14 11.99 -24.07 -10.33
CA SER A 14 11.29 -23.61 -9.14
C SER A 14 9.80 -23.46 -9.44
N GLN A 15 9.04 -23.19 -8.39
CA GLN A 15 7.61 -23.00 -8.50
C GLN A 15 7.25 -21.53 -8.66
N LEU A 16 6.49 -21.21 -9.70
CA LEU A 16 6.03 -19.85 -9.93
C LEU A 16 4.78 -19.55 -9.11
N GLY A 17 3.77 -20.40 -9.26
CA GLY A 17 2.52 -20.22 -8.56
C GLY A 17 1.73 -21.47 -8.28
N LYS A 18 0.80 -21.35 -7.34
CA LYS A 18 0.08 -22.49 -6.81
C LYS A 18 -1.42 -22.28 -6.96
N GLY A 19 -2.10 -23.27 -7.52
CA GLY A 19 -3.56 -23.32 -7.57
C GLY A 19 -4.14 -24.31 -6.60
N ASN A 20 -5.46 -24.37 -6.56
CA ASN A 20 -6.18 -25.34 -5.73
C ASN A 20 -5.93 -26.78 -6.20
N PHE A 21 -5.84 -26.95 -7.52
CA PHE A 21 -5.60 -28.25 -8.15
C PHE A 21 -4.41 -28.23 -9.11
N GLY A 22 -3.33 -27.57 -8.70
CA GLY A 22 -2.15 -27.50 -9.55
C GLY A 22 -1.10 -26.50 -9.16
N SER A 23 -0.03 -26.51 -9.93
CA SER A 23 1.05 -25.56 -9.79
C SER A 23 1.61 -25.24 -11.16
N VAL A 24 2.19 -24.06 -11.26
CA VAL A 24 2.91 -23.63 -12.46
C VAL A 24 4.36 -23.52 -12.06
N GLU A 25 5.21 -24.22 -12.79
CA GLU A 25 6.61 -24.40 -12.43
C GLU A 25 7.44 -23.77 -13.53
N LEU A 26 8.54 -23.12 -13.13
CA LEU A 26 9.53 -22.67 -14.07
C LEU A 26 10.36 -23.88 -14.43
N CYS A 27 10.48 -24.14 -15.72
CA CYS A 27 11.33 -25.21 -16.21
C CYS A 27 12.15 -24.70 -17.37
N ARG A 28 13.30 -25.34 -17.59
CA ARG A 28 14.05 -25.16 -18.82
C ARG A 28 13.83 -26.42 -19.66
N TYR A 29 13.25 -26.27 -20.85
CA TYR A 29 13.16 -27.36 -21.82
C TYR A 29 14.52 -27.46 -22.50
N ASP A 30 15.27 -28.50 -22.18
CA ASP A 30 16.69 -28.57 -22.51
C ASP A 30 17.09 -29.88 -23.23
N PRO A 31 16.57 -30.10 -24.46
CA PRO A 31 16.88 -31.32 -25.23
C PRO A 31 18.36 -31.54 -25.50
N LEU A 32 19.09 -30.47 -25.85
CA LEU A 32 20.55 -30.53 -26.06
C LEU A 32 21.36 -30.85 -24.79
N GLY A 33 20.76 -30.69 -23.61
CA GLY A 33 21.42 -31.02 -22.34
C GLY A 33 22.54 -30.07 -21.91
N ASP A 34 22.69 -28.95 -22.62
CA ASP A 34 23.81 -28.02 -22.44
C ASP A 34 23.37 -26.71 -21.79
N ASN A 35 22.12 -26.68 -21.31
CA ASN A 35 21.50 -25.52 -20.66
C ASN A 35 21.21 -24.31 -21.59
N THR A 36 21.23 -24.52 -22.91
CA THR A 36 20.89 -23.46 -23.88
C THR A 36 19.40 -23.31 -24.09
N GLY A 37 18.63 -24.32 -23.70
CA GLY A 37 17.18 -24.33 -23.89
C GLY A 37 16.43 -23.18 -23.25
N ALA A 38 15.20 -22.98 -23.71
CA ALA A 38 14.37 -21.87 -23.28
C ALA A 38 13.71 -22.17 -21.95
N LEU A 39 13.52 -21.13 -21.13
CA LEU A 39 12.77 -21.23 -19.89
C LEU A 39 11.28 -21.09 -20.24
N VAL A 40 10.46 -21.92 -19.61
CA VAL A 40 9.03 -21.99 -19.88
C VAL A 40 8.30 -22.21 -18.57
N ALA A 41 7.02 -21.85 -18.55
CA ALA A 41 6.18 -22.03 -17.38
C ALA A 41 5.29 -23.23 -17.69
N VAL A 42 5.26 -24.21 -16.79
CA VAL A 42 4.64 -25.50 -17.04
C VAL A 42 3.64 -25.83 -15.92
N LYS A 43 2.38 -26.03 -16.27
CA LYS A 43 1.35 -26.41 -15.29
C LYS A 43 1.21 -27.91 -15.27
N GLN A 44 1.19 -28.46 -14.05
CA GLN A 44 0.86 -29.86 -13.77
C GLN A 44 -0.24 -29.88 -12.71
N LEU A 45 -0.96 -31.00 -12.63
CA LEU A 45 -2.02 -31.16 -11.63
C LEU A 45 -1.48 -31.63 -10.29
N GLN A 46 -2.12 -31.17 -9.21
CA GLN A 46 -1.85 -31.65 -7.86
C GLN A 46 -3.17 -31.92 -7.14
N HIS A 47 -3.15 -32.88 -6.22
CA HIS A 47 -4.34 -33.34 -5.49
C HIS A 47 -5.54 -33.54 -6.45
N SER A 48 -5.25 -34.19 -7.59
CA SER A 48 -6.17 -34.27 -8.72
C SER A 48 -6.92 -35.60 -8.77
N GLY A 49 -8.25 -35.50 -8.81
CA GLY A 49 -9.12 -36.62 -9.16
C GLY A 49 -9.54 -36.52 -10.62
N PRO A 50 -10.36 -37.49 -11.09
CA PRO A 50 -10.82 -37.54 -12.48
C PRO A 50 -11.43 -36.25 -13.01
N ASP A 51 -12.21 -35.57 -12.18
CA ASP A 51 -12.88 -34.33 -12.57
C ASP A 51 -11.91 -33.21 -12.92
N GLN A 52 -10.84 -33.10 -12.14
CA GLN A 52 -9.82 -32.08 -12.40
C GLN A 52 -8.99 -32.45 -13.63
N GLN A 53 -8.77 -33.74 -13.85
CA GLN A 53 -8.06 -34.23 -15.03
C GLN A 53 -8.82 -33.86 -16.32
N ARG A 54 -10.12 -34.12 -16.35
N ARG A 54 -10.12 -34.14 -16.35
CA ARG A 54 -10.93 -33.78 -17.52
CA ARG A 54 -10.97 -33.78 -17.48
C ARG A 54 -11.03 -32.27 -17.72
C ARG A 54 -10.99 -32.27 -17.71
N ASP A 55 -11.11 -31.51 -16.62
CA ASP A 55 -11.04 -30.04 -16.69
C ASP A 55 -9.72 -29.57 -17.30
N PHE A 56 -8.61 -30.22 -16.94
CA PHE A 56 -7.30 -29.83 -17.44
C PHE A 56 -7.20 -30.07 -18.95
N GLN A 57 -7.73 -31.20 -19.41
CA GLN A 57 -7.80 -31.47 -20.86
C GLN A 57 -8.58 -30.39 -21.61
N ARG A 58 -9.69 -29.93 -21.05
N ARG A 58 -9.69 -29.93 -21.05
CA ARG A 58 -10.45 -28.82 -21.63
CA ARG A 58 -10.44 -28.82 -21.64
C ARG A 58 -9.65 -27.53 -21.64
C ARG A 58 -9.63 -27.52 -21.64
N GLU A 59 -9.03 -27.20 -20.49
CA GLU A 59 -8.20 -25.99 -20.35
C GLU A 59 -7.06 -25.88 -21.37
N ILE A 60 -6.37 -26.99 -21.62
CA ILE A 60 -5.30 -27.01 -22.62
C ILE A 60 -5.84 -26.63 -24.01
N GLN A 61 -6.96 -27.25 -24.40
CA GLN A 61 -7.60 -27.00 -25.70
C GLN A 61 -8.10 -25.58 -25.85
N ILE A 62 -8.71 -25.04 -24.80
CA ILE A 62 -9.10 -23.63 -24.79
C ILE A 62 -7.86 -22.74 -25.01
N LEU A 63 -6.85 -22.86 -24.12
CA LEU A 63 -5.65 -21.99 -24.22
C LEU A 63 -5.03 -22.11 -25.61
N LYS A 64 -4.89 -23.33 -26.09
CA LYS A 64 -4.33 -23.61 -27.40
C LYS A 64 -5.05 -22.85 -28.51
N ALA A 65 -6.36 -22.73 -28.39
CA ALA A 65 -7.17 -22.13 -29.44
C ALA A 65 -7.29 -20.60 -29.35
N LEU A 66 -6.78 -20.01 -28.26
CA LEU A 66 -6.83 -18.56 -28.04
C LEU A 66 -5.58 -17.81 -28.56
N HIS A 67 -5.81 -16.81 -29.42
CA HIS A 67 -4.74 -16.04 -30.04
C HIS A 67 -4.99 -14.54 -29.86
N SER A 68 -4.35 -14.00 -28.83
CA SER A 68 -4.44 -12.58 -28.49
C SER A 68 -3.14 -12.12 -27.88
N ASP A 69 -2.76 -10.88 -28.17
CA ASP A 69 -1.62 -10.26 -27.48
C ASP A 69 -1.83 -10.06 -25.98
N PHE A 70 -3.07 -10.19 -25.51
CA PHE A 70 -3.43 -9.96 -24.11
C PHE A 70 -3.84 -11.23 -23.39
N ILE A 71 -3.47 -12.37 -23.98
CA ILE A 71 -3.70 -13.67 -23.39
C ILE A 71 -2.41 -14.51 -23.49
N VAL A 72 -1.99 -15.04 -22.34
CA VAL A 72 -0.77 -15.84 -22.21
C VAL A 72 -0.72 -16.92 -23.31
N LYS A 73 0.45 -17.10 -23.89
CA LYS A 73 0.64 -17.98 -25.04
C LYS A 73 0.79 -19.44 -24.63
N TYR A 74 0.06 -20.30 -25.31
CA TYR A 74 0.29 -21.73 -25.30
C TYR A 74 1.56 -22.05 -26.09
N ARG A 75 2.40 -22.94 -25.55
N ARG A 75 2.39 -22.96 -25.57
CA ARG A 75 3.58 -23.47 -26.27
CA ARG A 75 3.58 -23.46 -26.28
C ARG A 75 3.36 -24.90 -26.73
C ARG A 75 3.42 -24.91 -26.72
N GLY A 76 2.88 -25.75 -25.84
CA GLY A 76 2.67 -27.17 -26.12
C GLY A 76 2.23 -27.95 -24.91
N VAL A 77 2.40 -29.27 -24.96
CA VAL A 77 2.11 -30.16 -23.85
C VAL A 77 3.23 -31.20 -23.70
N SER A 78 3.25 -31.84 -22.54
CA SER A 78 4.17 -32.93 -22.26
C SER A 78 3.41 -34.11 -21.66
N TYR A 79 3.62 -35.31 -22.23
CA TYR A 79 3.04 -36.57 -21.74
C TYR A 79 4.10 -37.47 -21.11
N GLY A 80 3.64 -38.54 -20.46
CA GLY A 80 4.53 -39.56 -19.86
C GLY A 80 3.76 -40.69 -19.18
N SER A 85 0.61 -38.30 -17.00
CA SER A 85 1.39 -37.16 -16.53
C SER A 85 1.30 -35.95 -17.47
N LEU A 86 0.07 -35.60 -17.87
CA LEU A 86 -0.17 -34.46 -18.75
C LEU A 86 0.32 -33.15 -18.10
N ARG A 87 1.12 -32.38 -18.85
CA ARG A 87 1.62 -31.07 -18.44
C ARG A 87 1.40 -30.04 -19.54
N LEU A 88 1.01 -28.83 -19.17
CA LEU A 88 0.73 -27.73 -20.10
C LEU A 88 1.91 -26.75 -20.12
N VAL A 89 2.53 -26.58 -21.29
CA VAL A 89 3.68 -25.72 -21.47
C VAL A 89 3.25 -24.39 -22.06
N MET A 90 3.69 -23.31 -21.41
CA MET A 90 3.32 -21.94 -21.72
C MET A 90 4.55 -21.03 -21.70
N GLU A 91 4.41 -19.87 -22.32
CA GLU A 91 5.47 -18.87 -22.30
C GLU A 91 5.74 -18.46 -20.85
N TYR A 92 7.01 -18.25 -20.56
CA TYR A 92 7.42 -17.81 -19.24
C TYR A 92 7.56 -16.32 -19.30
N LEU A 93 6.77 -15.62 -18.49
CA LEU A 93 6.87 -14.17 -18.31
C LEU A 93 7.55 -13.88 -16.98
N PRO A 94 8.87 -13.65 -16.98
CA PRO A 94 9.63 -13.48 -15.73
C PRO A 94 9.25 -12.32 -14.81
N SER A 95 8.59 -11.29 -15.34
CA SER A 95 8.16 -10.16 -14.51
C SER A 95 7.04 -10.56 -13.55
N GLY A 96 6.35 -11.67 -13.85
CA GLY A 96 5.49 -12.33 -12.90
C GLY A 96 4.09 -11.77 -12.93
N CYS A 97 3.38 -11.88 -11.82
CA CYS A 97 1.98 -11.48 -11.79
C CYS A 97 1.78 -10.02 -11.40
N LEU A 98 0.72 -9.42 -11.94
CA LEU A 98 0.39 -8.00 -11.73
C LEU A 98 0.19 -7.64 -10.26
N ARG A 99 -0.41 -8.55 -9.49
CA ARG A 99 -0.60 -8.36 -8.04
C ARG A 99 0.71 -8.00 -7.35
N ASP A 100 1.72 -8.84 -7.52
CA ASP A 100 3.07 -8.61 -6.96
C ASP A 100 3.78 -7.41 -7.61
N PHE A 101 3.61 -7.26 -8.91
CA PHE A 101 4.19 -6.16 -9.67
C PHE A 101 3.69 -4.78 -9.19
N LEU A 102 2.39 -4.66 -8.97
CA LEU A 102 1.81 -3.38 -8.54
C LEU A 102 2.31 -2.98 -7.14
N GLN A 103 2.39 -3.95 -6.22
CA GLN A 103 2.94 -3.71 -4.88
C GLN A 103 4.41 -3.32 -4.94
N ARG A 104 5.16 -4.00 -5.81
CA ARG A 104 6.62 -3.82 -5.90
C ARG A 104 7.00 -2.47 -6.52
N HIS A 105 6.31 -2.09 -7.58
CA HIS A 105 6.60 -0.85 -8.33
C HIS A 105 5.55 0.26 -8.16
N ARG A 106 4.78 0.20 -7.07
CA ARG A 106 3.78 1.23 -6.76
C ARG A 106 4.28 2.68 -6.95
N ALA A 107 5.47 2.97 -6.43
CA ALA A 107 5.99 4.36 -6.43
C ALA A 107 6.29 4.93 -7.81
N ARG A 108 6.49 4.04 -8.80
CA ARG A 108 6.73 4.41 -10.20
C ARG A 108 5.53 4.25 -11.14
N LEU A 109 4.43 3.67 -10.66
CA LEU A 109 3.26 3.37 -11.49
C LEU A 109 2.13 4.39 -11.30
N ASP A 110 1.94 5.30 -12.26
CA ASP A 110 0.95 6.36 -12.13
C ASP A 110 -0.41 5.88 -12.60
N ALA A 111 -1.44 6.69 -12.34
CA ALA A 111 -2.82 6.41 -12.79
C ALA A 111 -2.93 6.06 -14.27
N SER A 112 -2.18 6.76 -15.11
CA SER A 112 -2.24 6.56 -16.56
C SER A 112 -1.73 5.18 -16.96
N ARG A 113 -0.72 4.68 -16.25
CA ARG A 113 -0.23 3.33 -16.47
C ARG A 113 -1.22 2.26 -16.01
N LEU A 114 -1.92 2.49 -14.91
CA LEU A 114 -2.95 1.55 -14.45
C LEU A 114 -4.07 1.44 -15.48
N LEU A 115 -4.39 2.58 -16.09
CA LEU A 115 -5.38 2.67 -17.16
C LEU A 115 -4.93 1.91 -18.40
N LEU A 116 -3.64 1.96 -18.72
CA LEU A 116 -3.07 1.14 -19.78
C LEU A 116 -3.34 -0.35 -19.50
N TYR A 117 -3.06 -0.80 -18.29
CA TYR A 117 -3.24 -2.20 -17.93
C TYR A 117 -4.71 -2.60 -17.98
N SER A 118 -5.57 -1.71 -17.47
CA SER A 118 -7.02 -1.90 -17.49
C SER A 118 -7.54 -2.12 -18.90
N SER A 119 -7.05 -1.30 -19.80
CA SER A 119 -7.46 -1.28 -21.21
C SER A 119 -7.03 -2.54 -21.95
N GLN A 120 -5.81 -2.98 -21.67
CA GLN A 120 -5.29 -4.22 -22.23
C GLN A 120 -6.04 -5.45 -21.73
N ILE A 121 -6.33 -5.49 -20.43
CA ILE A 121 -7.14 -6.56 -19.82
C ILE A 121 -8.55 -6.55 -20.42
N CYS A 122 -9.09 -5.36 -20.63
CA CYS A 122 -10.42 -5.23 -21.22
C CYS A 122 -10.45 -5.77 -22.64
N LYS A 123 -9.41 -5.49 -23.40
CA LYS A 123 -9.23 -6.03 -24.75
C LYS A 123 -9.13 -7.54 -24.77
N GLY A 124 -8.33 -8.10 -23.87
CA GLY A 124 -8.22 -9.55 -23.73
C GLY A 124 -9.56 -10.17 -23.40
N MET A 125 -10.29 -9.55 -22.48
CA MET A 125 -11.63 -10.01 -22.12
C MET A 125 -12.66 -9.84 -23.23
N GLU A 126 -12.49 -8.83 -24.07
CA GLU A 126 -13.33 -8.64 -25.27
C GLU A 126 -13.05 -9.76 -26.26
N TYR A 127 -11.79 -10.11 -26.42
CA TYR A 127 -11.42 -11.25 -27.24
C TYR A 127 -11.99 -12.56 -26.69
N LEU A 128 -11.94 -12.76 -25.38
CA LEU A 128 -12.49 -14.00 -24.79
C LEU A 128 -13.97 -14.16 -25.04
N GLY A 129 -14.70 -13.05 -24.92
CA GLY A 129 -16.13 -13.02 -25.20
C GLY A 129 -16.43 -13.34 -26.65
N SER A 130 -15.54 -12.99 -27.57
CA SER A 130 -15.77 -13.25 -28.97
C SER A 130 -15.62 -14.74 -29.27
N ARG A 131 -14.75 -15.42 -28.50
CA ARG A 131 -14.61 -16.88 -28.56
C ARG A 131 -15.59 -17.63 -27.64
N ARG A 132 -16.57 -16.91 -27.08
CA ARG A 132 -17.61 -17.48 -26.22
C ARG A 132 -17.06 -18.20 -24.99
N CYS A 133 -16.03 -17.62 -24.39
CA CYS A 133 -15.33 -18.19 -23.27
C CYS A 133 -15.53 -17.32 -22.04
N VAL A 134 -16.00 -17.93 -20.95
CA VAL A 134 -16.10 -17.26 -19.65
C VAL A 134 -14.86 -17.64 -18.84
N HIS A 135 -14.10 -16.65 -18.37
CA HIS A 135 -12.84 -16.93 -17.67
C HIS A 135 -13.08 -17.50 -16.27
N ARG A 136 -13.99 -16.88 -15.51
CA ARG A 136 -14.43 -17.31 -14.16
C ARG A 136 -13.45 -17.09 -13.01
N ASP A 137 -12.23 -16.68 -13.31
CA ASP A 137 -11.24 -16.43 -12.27
C ASP A 137 -10.37 -15.21 -12.58
N LEU A 138 -10.99 -14.17 -13.11
CA LEU A 138 -10.30 -12.93 -13.45
C LEU A 138 -9.99 -12.19 -12.16
N ALA A 139 -8.70 -11.93 -11.97
CA ALA A 139 -8.22 -11.27 -10.76
C ALA A 139 -6.76 -10.87 -11.02
N ALA A 140 -6.25 -9.87 -10.29
CA ALA A 140 -4.88 -9.38 -10.48
C ALA A 140 -3.80 -10.45 -10.31
N ARG A 141 -4.07 -11.42 -9.44
N ARG A 141 -4.06 -11.42 -9.44
CA ARG A 141 -3.20 -12.57 -9.23
CA ARG A 141 -3.15 -12.54 -9.25
C ARG A 141 -3.04 -13.44 -10.48
C ARG A 141 -3.04 -13.46 -10.48
N ASN A 142 -4.01 -13.37 -11.39
CA ASN A 142 -4.04 -14.18 -12.65
C ASN A 142 -3.71 -13.38 -13.91
N ILE A 143 -3.22 -12.15 -13.74
CA ILE A 143 -2.69 -11.36 -14.86
C ILE A 143 -1.17 -11.36 -14.75
N LEU A 144 -0.50 -11.47 -15.89
CA LEU A 144 0.95 -11.56 -15.94
C LEU A 144 1.49 -10.31 -16.60
N VAL A 145 2.72 -9.94 -16.22
CA VAL A 145 3.40 -8.79 -16.81
C VAL A 145 4.39 -9.29 -17.86
N GLU A 146 4.19 -8.86 -19.10
CA GLU A 146 5.15 -9.16 -20.17
C GLU A 146 6.24 -8.11 -20.21
N SER A 147 5.82 -6.86 -20.11
CA SER A 147 6.72 -5.72 -19.99
C SER A 147 6.04 -4.67 -19.13
N GLU A 148 6.78 -3.60 -18.83
CA GLU A 148 6.27 -2.43 -18.10
C GLU A 148 4.92 -1.89 -18.62
N ALA A 149 4.66 -2.06 -19.91
CA ALA A 149 3.51 -1.51 -20.59
C ALA A 149 2.71 -2.58 -21.31
N HIS A 150 2.67 -3.80 -20.77
CA HIS A 150 2.04 -4.93 -21.45
C HIS A 150 1.74 -6.07 -20.48
N VAL A 151 0.46 -6.32 -20.23
CA VAL A 151 0.01 -7.42 -19.40
C VAL A 151 -0.84 -8.42 -20.19
N LYS A 152 -0.98 -9.63 -19.66
CA LYS A 152 -1.76 -10.70 -20.30
C LYS A 152 -2.58 -11.51 -19.30
N ILE A 153 -3.78 -11.92 -19.71
CA ILE A 153 -4.64 -12.75 -18.90
C ILE A 153 -4.12 -14.20 -18.93
N ALA A 154 -4.09 -14.82 -17.76
CA ALA A 154 -3.63 -16.17 -17.57
C ALA A 154 -4.63 -16.94 -16.70
N ASP A 155 -4.26 -18.19 -16.40
CA ASP A 155 -5.07 -19.11 -15.60
C ASP A 155 -6.49 -19.33 -16.15
N PHE A 156 -6.58 -20.25 -17.11
CA PHE A 156 -7.85 -20.65 -17.68
C PHE A 156 -8.38 -21.94 -17.03
N GLY A 157 -7.91 -22.24 -15.81
CA GLY A 157 -8.24 -23.45 -15.10
C GLY A 157 -9.69 -23.67 -14.76
N LEU A 158 -10.42 -22.57 -14.62
CA LEU A 158 -11.86 -22.62 -14.35
C LEU A 158 -12.68 -22.09 -15.54
N ALA A 159 -12.07 -21.99 -16.72
CA ALA A 159 -12.72 -21.35 -17.89
C ALA A 159 -13.69 -22.31 -18.56
N LYS A 160 -14.85 -21.77 -18.96
CA LYS A 160 -15.92 -22.53 -19.60
C LYS A 160 -16.23 -21.88 -20.92
N LEU A 161 -16.40 -22.67 -21.96
CA LEU A 161 -16.96 -22.19 -23.20
C LEU A 161 -18.48 -22.15 -23.05
N LEU A 162 -19.09 -21.03 -23.41
CA LEU A 162 -20.55 -20.95 -23.44
C LEU A 162 -21.10 -21.89 -24.51
N PRO A 163 -22.17 -22.64 -24.18
CA PRO A 163 -22.76 -23.44 -25.26
C PRO A 163 -23.18 -22.58 -26.48
N LEU A 164 -23.21 -23.17 -27.65
CA LEU A 164 -23.47 -22.43 -28.89
C LEU A 164 -24.90 -21.79 -28.93
N ASP A 165 -25.84 -22.35 -28.18
CA ASP A 165 -27.21 -21.83 -28.06
C ASP A 165 -27.55 -21.06 -26.76
N LYS A 166 -26.55 -20.73 -25.92
CA LYS A 166 -26.78 -20.10 -24.60
C LYS A 166 -25.70 -19.07 -24.23
N ASP A 167 -26.09 -18.00 -23.54
CA ASP A 167 -25.13 -16.96 -23.12
C ASP A 167 -24.82 -17.01 -21.62
N PTR A 168 -25.15 -18.13 -20.98
CA PTR A 168 -24.82 -18.37 -19.58
C PTR A 168 -24.51 -19.86 -19.34
O PTR A 168 -24.82 -20.71 -20.16
CB PTR A 168 -25.90 -17.89 -18.60
CG PTR A 168 -27.23 -18.60 -18.74
CD1 PTR A 168 -27.71 -19.43 -17.74
CD2 PTR A 168 -27.98 -18.47 -19.91
CE1 PTR A 168 -28.92 -20.10 -17.87
CE2 PTR A 168 -29.19 -19.14 -20.06
CZ PTR A 168 -29.66 -19.95 -19.04
OH PTR A 168 -30.74 -20.51 -19.24
P PTR A 168 -30.94 -22.10 -19.17
O1P PTR A 168 -29.69 -22.87 -19.65
O2P PTR A 168 -31.21 -22.38 -17.75
O3P PTR A 168 -32.13 -22.49 -20.06
N PTR A 169 -23.91 -20.14 -18.18
CA PTR A 169 -23.57 -21.49 -17.76
C PTR A 169 -23.69 -21.60 -16.25
O PTR A 169 -23.10 -20.79 -15.51
CB PTR A 169 -22.11 -21.70 -18.18
CG PTR A 169 -21.66 -23.15 -18.25
CD1 PTR A 169 -20.55 -23.57 -17.53
CD2 PTR A 169 -22.32 -24.09 -19.05
CE1 PTR A 169 -20.10 -24.88 -17.59
CE2 PTR A 169 -21.88 -25.41 -19.12
CZ PTR A 169 -20.77 -25.81 -18.38
OH PTR A 169 -20.37 -27.00 -18.46
P PTR A 169 -20.14 -27.97 -17.20
O1P PTR A 169 -18.80 -27.67 -16.50
O2P PTR A 169 -21.23 -27.72 -16.21
O3P PTR A 169 -20.13 -29.43 -17.68
N VAL A 170 -24.47 -22.57 -15.79
CA VAL A 170 -24.58 -22.89 -14.37
C VAL A 170 -23.48 -23.89 -13.99
N VAL A 171 -22.61 -23.50 -13.05
CA VAL A 171 -21.65 -24.43 -12.42
C VAL A 171 -21.95 -24.60 -10.93
N GLN A 176 -13.58 -23.53 -7.13
CA GLN A 176 -14.20 -22.34 -6.56
C GLN A 176 -13.14 -21.31 -6.11
N SER A 177 -13.18 -20.13 -6.73
CA SER A 177 -12.27 -19.03 -6.42
C SER A 177 -12.79 -18.24 -5.21
N PRO A 178 -12.08 -17.17 -4.81
CA PRO A 178 -12.63 -16.31 -3.76
C PRO A 178 -13.97 -15.66 -4.15
N ILE A 179 -14.89 -15.67 -3.19
CA ILE A 179 -16.24 -15.12 -3.36
C ILE A 179 -16.28 -13.60 -3.60
N PHE A 180 -15.18 -12.91 -3.28
CA PHE A 180 -15.11 -11.44 -3.35
C PHE A 180 -14.96 -10.86 -4.77
N TRP A 181 -14.73 -11.72 -5.77
CA TRP A 181 -14.69 -11.36 -7.21
C TRP A 181 -15.98 -11.82 -7.93
N TYR A 182 -16.91 -12.45 -7.20
CA TYR A 182 -18.08 -13.09 -7.77
C TYR A 182 -19.29 -12.16 -7.93
N ALA A 183 -19.97 -12.29 -9.07
CA ALA A 183 -21.26 -11.63 -9.30
C ALA A 183 -22.33 -12.20 -8.36
N PRO A 184 -23.35 -11.40 -8.00
CA PRO A 184 -24.40 -11.91 -7.13
C PRO A 184 -25.09 -13.17 -7.67
N GLU A 185 -25.36 -13.21 -8.97
CA GLU A 185 -25.99 -14.37 -9.62
C GLU A 185 -25.08 -15.65 -9.63
N SER A 186 -23.77 -15.46 -9.51
CA SER A 186 -22.86 -16.58 -9.29
C SER A 186 -22.99 -17.03 -7.84
N LEU A 187 -22.84 -16.08 -6.91
CA LEU A 187 -23.02 -16.34 -5.48
C LEU A 187 -24.34 -17.06 -5.17
N SER A 188 -25.44 -16.56 -5.73
CA SER A 188 -26.78 -17.05 -5.40
C SER A 188 -27.20 -18.31 -6.17
N ASP A 189 -26.94 -18.34 -7.48
CA ASP A 189 -27.42 -19.43 -8.36
C ASP A 189 -26.32 -20.12 -9.19
N ASN A 190 -25.05 -19.87 -8.88
CA ASN A 190 -23.91 -20.48 -9.59
C ASN A 190 -23.94 -20.26 -11.12
N ILE A 191 -24.47 -19.10 -11.54
CA ILE A 191 -24.61 -18.73 -12.94
C ILE A 191 -23.37 -17.95 -13.35
N PHE A 192 -22.79 -18.32 -14.48
CA PHE A 192 -21.63 -17.63 -15.02
C PHE A 192 -21.85 -17.28 -16.49
N SER A 193 -21.29 -16.14 -16.87
CA SER A 193 -21.55 -15.52 -18.16
C SER A 193 -20.47 -14.50 -18.45
N ARG A 194 -20.47 -13.96 -19.65
CA ARG A 194 -19.57 -12.85 -19.98
C ARG A 194 -19.78 -11.62 -19.09
N GLN A 195 -21.02 -11.38 -18.67
N GLN A 195 -21.04 -11.39 -18.70
CA GLN A 195 -21.33 -10.27 -17.76
CA GLN A 195 -21.43 -10.35 -17.77
C GLN A 195 -20.98 -10.59 -16.29
C GLN A 195 -20.93 -10.59 -16.33
N SER A 196 -20.85 -11.87 -15.95
CA SER A 196 -20.22 -12.27 -14.70
C SER A 196 -18.72 -11.92 -14.71
N ASP A 197 -18.05 -12.16 -15.83
CA ASP A 197 -16.68 -11.66 -16.00
C ASP A 197 -16.58 -10.13 -15.91
N VAL A 198 -17.58 -9.40 -16.42
CA VAL A 198 -17.57 -7.94 -16.27
C VAL A 198 -17.61 -7.54 -14.79
N TRP A 199 -18.44 -8.19 -13.97
CA TRP A 199 -18.42 -7.97 -12.51
C TRP A 199 -17.00 -8.13 -11.94
N SER A 200 -16.34 -9.24 -12.29
CA SER A 200 -14.95 -9.50 -11.85
C SER A 200 -13.97 -8.46 -12.33
N PHE A 201 -14.11 -8.05 -13.59
CA PHE A 201 -13.27 -6.98 -14.12
C PHE A 201 -13.35 -5.68 -13.29
N GLY A 202 -14.55 -5.35 -12.80
CA GLY A 202 -14.74 -4.25 -11.87
C GLY A 202 -13.86 -4.40 -10.64
N VAL A 203 -13.84 -5.60 -10.07
CA VAL A 203 -12.97 -5.88 -8.92
C VAL A 203 -11.48 -5.78 -9.31
N VAL A 204 -11.14 -6.21 -10.52
CA VAL A 204 -9.77 -6.06 -11.00
C VAL A 204 -9.37 -4.59 -11.08
N LEU A 205 -10.25 -3.75 -11.63
CA LEU A 205 -10.05 -2.30 -11.63
C LEU A 205 -9.77 -1.77 -10.22
N TYR A 206 -10.54 -2.25 -9.24
CA TYR A 206 -10.29 -1.93 -7.82
C TYR A 206 -8.89 -2.33 -7.35
N GLU A 207 -8.51 -3.55 -7.66
CA GLU A 207 -7.17 -4.05 -7.35
C GLU A 207 -6.06 -3.15 -7.91
N LEU A 208 -6.16 -2.82 -9.20
N LEU A 208 -6.17 -2.80 -9.18
CA LEU A 208 -5.21 -1.93 -9.89
CA LEU A 208 -5.19 -1.95 -9.87
C LEU A 208 -5.05 -0.59 -9.16
C LEU A 208 -5.05 -0.57 -9.21
N PHE A 209 -6.18 0.09 -8.93
CA PHE A 209 -6.18 1.41 -8.32
C PHE A 209 -5.96 1.42 -6.79
N THR A 210 -5.95 0.25 -6.15
CA THR A 210 -5.39 0.10 -4.79
C THR A 210 -3.97 -0.47 -4.79
N TYR A 211 -3.38 -0.63 -5.97
CA TYR A 211 -2.07 -1.25 -6.16
C TYR A 211 -1.94 -2.62 -5.50
N CYS A 212 -3.05 -3.34 -5.42
CA CYS A 212 -3.19 -4.57 -4.63
C CYS A 212 -2.66 -4.43 -3.20
N ASP A 213 -2.98 -3.31 -2.56
CA ASP A 213 -2.64 -3.13 -1.16
C ASP A 213 -3.52 -4.06 -0.30
N LYS A 214 -2.88 -4.86 0.56
CA LYS A 214 -3.59 -5.89 1.36
C LYS A 214 -4.49 -5.30 2.46
N SER A 215 -4.19 -4.09 2.90
CA SER A 215 -4.97 -3.42 3.94
C SER A 215 -6.35 -2.97 3.44
N CYS A 216 -6.53 -2.83 2.13
CA CYS A 216 -7.84 -2.53 1.54
C CYS A 216 -8.19 -3.46 0.38
N SER A 217 -7.82 -4.74 0.50
CA SER A 217 -8.13 -5.75 -0.51
C SER A 217 -9.64 -6.03 -0.55
N PRO A 218 -10.13 -6.62 -1.66
CA PRO A 218 -11.53 -6.99 -1.71
C PRO A 218 -11.99 -7.75 -0.45
N SER A 219 -11.24 -8.77 -0.05
CA SER A 219 -11.58 -9.53 1.15
C SER A 219 -11.53 -8.69 2.43
N ALA A 220 -10.52 -7.82 2.57
CA ALA A 220 -10.41 -6.97 3.77
C ALA A 220 -11.57 -5.97 3.90
N GLU A 221 -12.00 -5.39 2.78
CA GLU A 221 -13.12 -4.44 2.78
C GLU A 221 -14.43 -5.13 3.07
N PHE A 222 -14.70 -6.20 2.32
CA PHE A 222 -15.92 -6.96 2.47
C PHE A 222 -16.00 -7.67 3.83
N LEU A 223 -14.92 -8.35 4.25
CA LEU A 223 -14.89 -9.02 5.56
C LEU A 223 -15.26 -8.08 6.72
N ARG A 224 -14.79 -6.84 6.63
CA ARG A 224 -15.11 -5.79 7.61
C ARG A 224 -16.60 -5.40 7.59
N MET A 225 -17.16 -5.26 6.40
CA MET A 225 -18.60 -5.01 6.23
C MET A 225 -19.47 -6.14 6.79
N MET A 226 -19.09 -7.39 6.48
CA MET A 226 -19.92 -8.55 6.87
C MET A 226 -19.81 -8.95 8.35
N GLY A 227 -19.55 -7.97 9.22
CA GLY A 227 -19.64 -8.14 10.66
C GLY A 227 -18.53 -8.99 11.26
N SER A 228 -18.60 -9.14 12.58
CA SER A 228 -17.70 -10.06 13.30
C SER A 228 -18.04 -11.50 12.89
N GLU A 229 -19.09 -12.05 13.48
CA GLU A 229 -19.54 -13.41 13.16
C GLU A 229 -20.95 -13.68 13.69
N ARG A 230 -21.68 -14.52 12.96
CA ARG A 230 -22.98 -15.04 13.36
C ARG A 230 -23.00 -16.51 12.90
N ASP A 231 -24.05 -17.27 13.23
CA ASP A 231 -24.18 -18.64 12.69
C ASP A 231 -24.67 -18.61 11.21
N VAL A 232 -23.99 -17.79 10.40
CA VAL A 232 -24.38 -17.52 9.01
C VAL A 232 -23.12 -17.63 8.14
N PRO A 233 -23.18 -18.42 7.04
CA PRO A 233 -21.99 -18.55 6.20
C PRO A 233 -21.60 -17.23 5.53
N ALA A 234 -20.31 -17.09 5.22
CA ALA A 234 -19.77 -15.87 4.61
C ALA A 234 -20.45 -15.52 3.28
N LEU A 235 -20.79 -16.55 2.50
CA LEU A 235 -21.40 -16.39 1.17
C LEU A 235 -22.74 -15.66 1.23
N SER A 236 -23.61 -16.11 2.12
CA SER A 236 -24.94 -15.52 2.31
C SER A 236 -24.86 -14.06 2.75
N ARG A 237 -23.95 -13.79 3.68
CA ARG A 237 -23.75 -12.44 4.20
C ARG A 237 -23.19 -11.47 3.16
N LEU A 238 -22.30 -11.94 2.28
CA LEU A 238 -21.79 -11.12 1.17
C LEU A 238 -22.90 -10.79 0.15
N LEU A 239 -23.71 -11.81 -0.17
CA LEU A 239 -24.86 -11.67 -1.08
C LEU A 239 -25.87 -10.68 -0.49
N GLU A 240 -26.15 -10.80 0.80
CA GLU A 240 -27.01 -9.84 1.49
C GLU A 240 -26.48 -8.40 1.33
N LEU A 241 -25.19 -8.19 1.57
CA LEU A 241 -24.59 -6.85 1.48
C LEU A 241 -24.67 -6.28 0.05
N LEU A 242 -24.39 -7.13 -0.94
CA LEU A 242 -24.47 -6.72 -2.34
C LEU A 242 -25.88 -6.41 -2.81
N GLU A 243 -26.87 -7.11 -2.26
CA GLU A 243 -28.29 -6.83 -2.52
C GLU A 243 -28.77 -5.55 -1.82
N GLU A 244 -28.17 -5.22 -0.67
CA GLU A 244 -28.37 -3.92 -0.01
C GLU A 244 -27.63 -2.75 -0.71
N GLY A 245 -26.89 -3.04 -1.78
CA GLY A 245 -26.21 -2.02 -2.57
C GLY A 245 -24.80 -1.71 -2.11
N GLN A 246 -24.26 -2.51 -1.18
CA GLN A 246 -22.91 -2.29 -0.68
C GLN A 246 -21.95 -2.70 -1.77
N ARG A 247 -20.90 -1.90 -1.92
CA ARG A 247 -19.88 -2.11 -2.93
C ARG A 247 -18.53 -1.80 -2.32
N LEU A 248 -17.47 -2.14 -3.03
CA LEU A 248 -16.13 -1.71 -2.66
C LEU A 248 -16.06 -0.19 -2.78
N PRO A 249 -15.32 0.48 -1.87
CA PRO A 249 -15.27 1.94 -1.92
C PRO A 249 -14.35 2.44 -3.04
N ALA A 250 -14.29 3.75 -3.21
CA ALA A 250 -13.34 4.37 -4.13
C ALA A 250 -11.94 4.16 -3.53
N PRO A 251 -11.00 3.63 -4.32
CA PRO A 251 -9.63 3.54 -3.82
C PRO A 251 -9.06 4.91 -3.46
N PRO A 252 -8.13 4.97 -2.48
CA PRO A 252 -7.47 6.24 -2.19
C PRO A 252 -6.84 6.84 -3.46
N ALA A 253 -7.23 8.08 -3.78
CA ALA A 253 -6.72 8.81 -4.95
C ALA A 253 -7.10 8.18 -6.29
N CYS A 254 -8.16 7.37 -6.32
CA CYS A 254 -8.70 6.84 -7.57
C CYS A 254 -9.39 7.98 -8.30
N PRO A 255 -9.11 8.12 -9.61
CA PRO A 255 -9.85 9.08 -10.44
C PRO A 255 -11.36 8.83 -10.37
N ALA A 256 -12.12 9.91 -10.15
CA ALA A 256 -13.58 9.82 -10.04
C ALA A 256 -14.20 8.97 -11.15
N GLU A 257 -13.85 9.28 -12.40
CA GLU A 257 -14.43 8.61 -13.58
C GLU A 257 -14.16 7.10 -13.62
N VAL A 258 -13.01 6.66 -13.12
CA VAL A 258 -12.66 5.23 -13.08
C VAL A 258 -13.50 4.51 -12.02
N HIS A 259 -13.69 5.15 -10.87
CA HIS A 259 -14.56 4.61 -9.84
C HIS A 259 -15.99 4.42 -10.37
N GLU A 260 -16.45 5.36 -11.20
CA GLU A 260 -17.78 5.27 -11.82
C GLU A 260 -17.91 4.10 -12.79
N LEU A 261 -16.85 3.81 -13.54
CA LEU A 261 -16.82 2.62 -14.40
C LEU A 261 -16.93 1.31 -13.59
N MET A 262 -16.21 1.25 -12.45
CA MET A 262 -16.33 0.13 -11.48
C MET A 262 -17.77 -0.10 -11.05
N LYS A 263 -18.48 0.97 -10.71
CA LYS A 263 -19.87 0.85 -10.25
C LYS A 263 -20.81 0.36 -11.34
N LEU A 264 -20.56 0.74 -12.58
CA LEU A 264 -21.30 0.20 -13.73
C LEU A 264 -21.03 -1.29 -13.93
N CYS A 265 -19.79 -1.73 -13.68
CA CYS A 265 -19.48 -3.17 -13.73
C CYS A 265 -20.20 -3.93 -12.60
N TRP A 266 -20.51 -3.27 -11.49
CA TRP A 266 -21.23 -3.93 -10.40
C TRP A 266 -22.73 -3.60 -10.34
N ALA A 267 -23.35 -3.42 -11.50
CA ALA A 267 -24.80 -3.23 -11.55
C ALA A 267 -25.45 -4.59 -11.17
N PRO A 268 -26.46 -4.58 -10.27
CA PRO A 268 -27.08 -5.84 -9.79
C PRO A 268 -27.51 -6.82 -10.89
N SER A 269 -28.14 -6.29 -11.93
CA SER A 269 -28.64 -7.09 -13.05
C SER A 269 -27.54 -7.25 -14.11
N PRO A 270 -27.25 -8.51 -14.54
CA PRO A 270 -26.24 -8.79 -15.59
C PRO A 270 -26.38 -7.99 -16.87
N GLN A 271 -27.61 -7.82 -17.33
CA GLN A 271 -27.90 -7.09 -18.56
C GLN A 271 -27.65 -5.58 -18.46
N ASP A 272 -27.60 -5.04 -17.24
CA ASP A 272 -27.30 -3.62 -17.00
C ASP A 272 -25.80 -3.29 -16.87
N ARG A 273 -24.95 -4.31 -16.78
CA ARG A 273 -23.50 -4.11 -16.83
C ARG A 273 -23.06 -3.88 -18.26
N PRO A 274 -22.02 -3.06 -18.45
CA PRO A 274 -21.55 -2.82 -19.80
C PRO A 274 -20.81 -4.02 -20.37
N SER A 275 -20.79 -4.09 -21.68
CA SER A 275 -19.98 -5.07 -22.35
C SER A 275 -18.54 -4.59 -22.33
N PHE A 276 -17.59 -5.52 -22.36
CA PHE A 276 -16.19 -5.20 -22.53
C PHE A 276 -15.95 -4.32 -23.76
N SER A 277 -16.69 -4.58 -24.84
CA SER A 277 -16.66 -3.73 -26.05
C SER A 277 -17.07 -2.29 -25.77
N ALA A 278 -18.04 -2.09 -24.91
CA ALA A 278 -18.47 -0.77 -24.47
C ALA A 278 -17.48 -0.15 -23.46
N LEU A 279 -16.89 -0.98 -22.60
CA LEU A 279 -15.96 -0.50 -21.54
C LEU A 279 -14.65 0.01 -22.10
N GLY A 280 -14.19 -0.65 -23.16
CA GLY A 280 -12.91 -0.39 -23.80
C GLY A 280 -12.67 1.06 -24.16
N PRO A 281 -13.56 1.66 -24.96
CA PRO A 281 -13.43 3.07 -25.28
C PRO A 281 -13.66 4.01 -24.09
N GLN A 282 -14.47 3.61 -23.11
CA GLN A 282 -14.64 4.44 -21.93
C GLN A 282 -13.38 4.45 -21.08
N LEU A 283 -12.59 3.37 -21.09
CA LEU A 283 -11.26 3.36 -20.45
C LEU A 283 -10.21 4.15 -21.25
N ASP A 284 -10.17 3.96 -22.57
CA ASP A 284 -9.16 4.59 -23.43
C ASP A 284 -9.34 6.09 -23.56
N MET A 285 -10.59 6.53 -23.54
CA MET A 285 -10.90 7.94 -23.73
C MET A 285 -10.93 8.73 -22.43
N LEU A 286 -10.64 8.10 -21.30
CA LEU A 286 -10.48 8.84 -20.04
C LEU A 286 -9.18 9.64 -20.13
N TRP A 287 -9.31 10.96 -19.89
CA TRP A 287 -8.20 11.93 -19.82
C TRP A 287 -7.64 12.42 -21.15
N SER A 288 -8.13 11.88 -22.27
CA SER A 288 -7.68 12.30 -23.61
C SER A 288 -8.25 13.67 -24.00
N ASP B 1 -31.86 9.37 -19.91
CA ASP B 1 -33.36 9.44 -20.06
C ASP B 1 -33.78 10.14 -21.37
N PRO B 2 -33.30 11.38 -21.62
CA PRO B 2 -33.48 11.94 -22.98
C PRO B 2 -32.48 11.37 -24.02
N THR B 3 -31.54 10.57 -23.52
CA THR B 3 -30.52 9.87 -24.27
C THR B 3 -30.97 8.41 -24.59
N ILE B 4 -32.10 7.98 -24.03
CA ILE B 4 -32.65 6.66 -24.33
C ILE B 4 -33.95 6.85 -25.10
N PHE B 5 -33.96 6.36 -26.34
CA PHE B 5 -35.11 6.47 -27.24
C PHE B 5 -35.90 5.15 -27.23
N GLU B 6 -37.20 5.23 -27.00
CA GLU B 6 -38.05 4.05 -26.97
C GLU B 6 -38.33 3.64 -28.41
N GLU B 7 -37.95 2.41 -28.77
CA GLU B 7 -38.17 1.83 -30.10
C GLU B 7 -39.57 2.09 -30.68
N ARG B 8 -40.60 2.00 -29.85
CA ARG B 8 -41.99 2.12 -30.30
C ARG B 8 -42.43 3.52 -30.74
N HIS B 9 -41.64 4.56 -30.42
CA HIS B 9 -41.95 5.94 -30.78
C HIS B 9 -41.11 6.45 -31.93
N LEU B 10 -40.13 5.66 -32.38
CA LEU B 10 -39.39 5.94 -33.60
C LEU B 10 -40.26 5.60 -34.81
N LYS B 11 -40.71 6.65 -35.50
CA LYS B 11 -41.50 6.50 -36.72
C LYS B 11 -40.54 6.53 -37.90
N TYR B 12 -40.44 5.41 -38.61
CA TYR B 12 -39.57 5.28 -39.78
C TYR B 12 -40.10 6.09 -40.97
N ILE B 13 -39.24 6.91 -41.57
CA ILE B 13 -39.59 7.66 -42.79
C ILE B 13 -38.94 7.05 -44.02
N SER B 14 -37.62 6.97 -44.01
CA SER B 14 -36.87 6.50 -45.19
C SER B 14 -35.43 6.18 -44.81
N GLN B 15 -34.70 5.64 -45.76
CA GLN B 15 -33.30 5.32 -45.60
C GLN B 15 -32.45 6.44 -46.20
N LEU B 16 -31.51 6.95 -45.41
CA LEU B 16 -30.62 8.03 -45.81
C LEU B 16 -29.35 7.49 -46.45
N GLY B 17 -28.76 6.49 -45.82
CA GLY B 17 -27.54 5.89 -46.31
C GLY B 17 -27.39 4.45 -45.89
N LYS B 18 -26.65 3.71 -46.70
CA LYS B 18 -26.38 2.31 -46.48
C LYS B 18 -24.87 2.10 -46.36
N GLY B 19 -24.46 1.41 -45.30
CA GLY B 19 -23.07 0.96 -45.15
C GLY B 19 -22.92 -0.53 -45.45
N ASN B 20 -21.67 -1.00 -45.47
CA ASN B 20 -21.38 -2.43 -45.61
C ASN B 20 -22.14 -3.30 -44.61
N PHE B 21 -22.25 -2.82 -43.36
CA PHE B 21 -22.89 -3.58 -42.30
C PHE B 21 -24.13 -2.95 -41.65
N GLY B 22 -24.41 -1.69 -41.96
CA GLY B 22 -25.59 -1.02 -41.43
C GLY B 22 -26.33 -0.09 -42.36
N SER B 23 -27.34 0.56 -41.82
CA SER B 23 -28.08 1.55 -42.54
C SER B 23 -28.39 2.68 -41.59
N VAL B 24 -28.47 3.89 -42.15
CA VAL B 24 -28.87 5.07 -41.40
C VAL B 24 -30.22 5.47 -41.94
N GLU B 25 -31.21 5.54 -41.05
CA GLU B 25 -32.59 5.80 -41.43
C GLU B 25 -33.07 7.12 -40.85
N LEU B 26 -33.91 7.82 -41.61
CA LEU B 26 -34.56 9.02 -41.14
C LEU B 26 -35.78 8.57 -40.35
N CYS B 27 -35.88 9.00 -39.10
CA CYS B 27 -37.02 8.67 -38.27
C CYS B 27 -37.54 9.90 -37.59
N ARG B 28 -38.82 9.89 -37.21
CA ARG B 28 -39.36 10.88 -36.28
C ARG B 28 -39.50 10.23 -34.91
N TYR B 29 -38.80 10.75 -33.91
CA TYR B 29 -39.03 10.32 -32.53
C TYR B 29 -40.27 11.03 -32.02
N ASP B 30 -41.37 10.31 -31.95
CA ASP B 30 -42.70 10.88 -31.71
C ASP B 30 -43.44 10.23 -30.52
N PRO B 31 -43.01 10.52 -29.28
CA PRO B 31 -43.72 10.00 -28.10
C PRO B 31 -45.18 10.45 -27.96
N LEU B 32 -45.47 11.69 -28.37
CA LEU B 32 -46.84 12.23 -28.28
C LEU B 32 -47.78 11.63 -29.34
N GLY B 33 -47.21 11.08 -30.41
CA GLY B 33 -48.00 10.44 -31.47
C GLY B 33 -48.75 11.42 -32.35
N ASP B 34 -48.37 12.70 -32.29
CA ASP B 34 -49.07 13.78 -33.00
C ASP B 34 -48.22 14.42 -34.10
N ASN B 35 -47.09 13.76 -34.43
CA ASN B 35 -46.14 14.26 -35.42
C ASN B 35 -45.40 15.57 -35.08
N THR B 36 -45.40 15.98 -33.81
CA THR B 36 -44.67 17.17 -33.39
C THR B 36 -43.21 16.87 -33.10
N GLY B 37 -42.85 15.60 -33.01
CA GLY B 37 -41.51 15.18 -32.61
C GLY B 37 -40.43 15.51 -33.62
N ALA B 38 -39.19 15.39 -33.17
CA ALA B 38 -38.02 15.72 -33.98
C ALA B 38 -37.66 14.57 -34.89
N LEU B 39 -37.22 14.94 -36.09
CA LEU B 39 -36.60 14.03 -37.05
C LEU B 39 -35.15 13.82 -36.63
N VAL B 40 -34.74 12.55 -36.66
CA VAL B 40 -33.41 12.12 -36.23
C VAL B 40 -32.89 11.09 -37.22
N ALA B 41 -31.57 10.95 -37.30
CA ALA B 41 -30.91 9.92 -38.11
C ALA B 41 -30.58 8.79 -37.17
N VAL B 42 -30.95 7.56 -37.54
CA VAL B 42 -30.85 6.41 -36.65
C VAL B 42 -30.09 5.29 -37.37
N LYS B 43 -28.98 4.81 -36.78
CA LYS B 43 -28.23 3.68 -37.35
C LYS B 43 -28.57 2.36 -36.67
N GLN B 44 -28.71 1.33 -37.49
CA GLN B 44 -28.90 -0.03 -37.02
C GLN B 44 -28.09 -0.95 -37.91
N LEU B 45 -27.76 -2.12 -37.38
CA LEU B 45 -26.99 -3.09 -38.15
C LEU B 45 -27.89 -3.86 -39.12
N GLN B 46 -27.32 -4.27 -40.24
N GLN B 46 -27.32 -4.28 -40.24
CA GLN B 46 -28.03 -5.03 -41.28
CA GLN B 46 -28.05 -5.05 -41.27
C GLN B 46 -27.63 -6.51 -41.18
C GLN B 46 -27.64 -6.53 -41.20
N HIS B 47 -26.55 -6.90 -41.87
CA HIS B 47 -26.13 -8.30 -42.00
C HIS B 47 -25.02 -8.51 -40.98
N SER B 48 -25.43 -8.50 -39.70
CA SER B 48 -24.49 -8.48 -38.58
C SER B 48 -24.34 -9.85 -37.91
N GLY B 49 -23.09 -10.29 -37.82
CA GLY B 49 -22.67 -11.31 -36.86
C GLY B 49 -22.13 -10.64 -35.60
N PRO B 50 -21.54 -11.42 -34.69
CA PRO B 50 -20.94 -10.94 -33.45
C PRO B 50 -19.92 -9.81 -33.62
N ASP B 51 -18.99 -9.97 -34.57
CA ASP B 51 -17.94 -8.98 -34.86
C ASP B 51 -18.50 -7.59 -35.08
N GLN B 52 -19.55 -7.52 -35.88
CA GLN B 52 -20.15 -6.24 -36.24
C GLN B 52 -20.92 -5.66 -35.05
N GLN B 53 -21.59 -6.53 -34.28
CA GLN B 53 -22.29 -6.12 -33.04
C GLN B 53 -21.33 -5.47 -32.02
N ARG B 54 -20.16 -6.07 -31.82
N ARG B 54 -20.16 -6.07 -31.82
CA ARG B 54 -19.15 -5.54 -30.89
CA ARG B 54 -19.14 -5.55 -30.88
C ARG B 54 -18.55 -4.22 -31.37
C ARG B 54 -18.54 -4.23 -31.37
N ASP B 55 -18.21 -4.15 -32.66
CA ASP B 55 -17.71 -2.90 -33.26
C ASP B 55 -18.75 -1.75 -33.15
N PHE B 56 -20.03 -2.09 -33.29
CA PHE B 56 -21.10 -1.09 -33.16
C PHE B 56 -21.19 -0.56 -31.72
N GLN B 57 -21.04 -1.45 -30.74
CA GLN B 57 -20.92 -1.02 -29.35
C GLN B 57 -19.78 -0.05 -29.10
N ARG B 58 -18.63 -0.30 -29.73
CA ARG B 58 -17.49 0.63 -29.65
C ARG B 58 -17.83 1.97 -30.31
N GLU B 59 -18.38 1.91 -31.53
CA GLU B 59 -18.78 3.10 -32.29
C GLU B 59 -19.69 4.03 -31.50
N ILE B 60 -20.68 3.47 -30.83
CA ILE B 60 -21.62 4.26 -30.02
C ILE B 60 -20.87 4.99 -28.90
N GLN B 61 -19.98 4.29 -28.20
CA GLN B 61 -19.22 4.89 -27.11
C GLN B 61 -18.22 5.97 -27.58
N ILE B 62 -17.62 5.77 -28.74
CA ILE B 62 -16.73 6.76 -29.33
C ILE B 62 -17.49 8.03 -29.71
N LEU B 63 -18.55 7.88 -30.50
CA LEU B 63 -19.33 9.04 -30.96
C LEU B 63 -19.89 9.81 -29.77
N LYS B 64 -20.34 9.06 -28.77
CA LYS B 64 -20.88 9.59 -27.52
C LYS B 64 -19.88 10.49 -26.82
N ALA B 65 -18.60 10.12 -26.87
CA ALA B 65 -17.55 10.81 -26.11
C ALA B 65 -16.92 11.98 -26.89
N LEU B 66 -17.28 12.13 -28.17
CA LEU B 66 -16.72 13.19 -29.00
C LEU B 66 -17.63 14.43 -28.99
N HIS B 67 -17.05 15.59 -28.68
CA HIS B 67 -17.74 16.85 -28.60
C HIS B 67 -17.01 17.88 -29.46
N SER B 68 -17.56 18.13 -30.64
CA SER B 68 -16.97 19.06 -31.61
C SER B 68 -18.03 19.61 -32.51
N ASP B 69 -17.90 20.88 -32.88
CA ASP B 69 -18.80 21.48 -33.87
C ASP B 69 -18.64 20.86 -35.28
N PHE B 70 -17.53 20.17 -35.53
CA PHE B 70 -17.25 19.54 -36.83
C PHE B 70 -17.36 18.02 -36.79
N ILE B 71 -18.01 17.49 -35.74
CA ILE B 71 -18.35 16.08 -35.65
C ILE B 71 -19.83 15.88 -35.33
N VAL B 72 -20.49 15.02 -36.11
CA VAL B 72 -21.93 14.76 -36.01
C VAL B 72 -22.33 14.45 -34.58
N LYS B 73 -23.40 15.08 -34.10
CA LYS B 73 -23.83 14.91 -32.71
C LYS B 73 -24.50 13.57 -32.47
N TYR B 74 -23.99 12.86 -31.47
CA TYR B 74 -24.74 11.80 -30.80
C TYR B 74 -25.99 12.38 -30.12
N ARG B 75 -27.13 11.71 -30.27
N ARG B 75 -27.13 11.71 -30.27
CA ARG B 75 -28.37 12.02 -29.52
CA ARG B 75 -28.36 12.03 -29.51
C ARG B 75 -28.67 10.97 -28.45
C ARG B 75 -28.69 10.98 -28.46
N GLY B 76 -28.46 9.71 -28.78
CA GLY B 76 -28.76 8.62 -27.86
C GLY B 76 -28.74 7.25 -28.49
N VAL B 77 -29.45 6.34 -27.83
CA VAL B 77 -29.58 4.98 -28.25
C VAL B 77 -31.01 4.50 -28.08
N SER B 78 -31.40 3.51 -28.87
CA SER B 78 -32.64 2.78 -28.70
C SER B 78 -32.32 1.29 -28.53
N TYR B 79 -32.86 0.66 -27.48
CA TYR B 79 -32.68 -0.78 -27.20
C TYR B 79 -33.87 -1.61 -27.64
N GLY B 80 -33.71 -2.93 -27.64
CA GLY B 80 -34.79 -3.89 -27.95
C GLY B 80 -35.15 -4.77 -26.77
N SER B 85 -31.96 -5.22 -30.29
CA SER B 85 -32.18 -4.24 -31.35
C SER B 85 -31.56 -2.88 -31.04
N LEU B 86 -30.27 -2.89 -30.70
CA LEU B 86 -29.53 -1.67 -30.38
C LEU B 86 -29.48 -0.74 -31.59
N ARG B 87 -29.80 0.54 -31.37
CA ARG B 87 -29.75 1.55 -32.44
C ARG B 87 -29.11 2.83 -31.97
N LEU B 88 -28.40 3.49 -32.88
CA LEU B 88 -27.67 4.72 -32.61
C LEU B 88 -28.41 5.91 -33.18
N VAL B 89 -28.89 6.80 -32.30
CA VAL B 89 -29.63 7.99 -32.70
C VAL B 89 -28.69 9.17 -32.79
N MET B 90 -28.72 9.88 -33.91
CA MET B 90 -27.86 11.03 -34.14
C MET B 90 -28.68 12.18 -34.67
N GLU B 91 -28.11 13.38 -34.66
CA GLU B 91 -28.79 14.54 -35.24
C GLU B 91 -28.99 14.30 -36.74
N TYR B 92 -30.16 14.71 -37.22
CA TYR B 92 -30.46 14.68 -38.64
C TYR B 92 -30.05 15.98 -39.29
N LEU B 93 -29.17 15.88 -40.28
CA LEU B 93 -28.73 17.02 -41.11
C LEU B 93 -29.36 16.90 -42.52
N PRO B 94 -30.52 17.53 -42.76
CA PRO B 94 -31.26 17.34 -44.03
C PRO B 94 -30.55 17.72 -45.34
N SER B 95 -29.50 18.52 -45.27
CA SER B 95 -28.72 18.88 -46.46
C SER B 95 -27.88 17.69 -46.98
N GLY B 96 -27.65 16.69 -46.14
CA GLY B 96 -27.14 15.40 -46.60
C GLY B 96 -25.65 15.40 -46.72
N CYS B 97 -25.11 14.47 -47.52
CA CYS B 97 -23.66 14.28 -47.56
C CYS B 97 -23.01 15.28 -48.50
N LEU B 98 -21.74 15.58 -48.22
CA LEU B 98 -20.98 16.57 -48.97
C LEU B 98 -20.86 16.19 -50.42
N ARG B 99 -20.62 14.90 -50.68
CA ARG B 99 -20.48 14.38 -52.05
C ARG B 99 -21.62 14.83 -52.96
N ASP B 100 -22.85 14.54 -52.56
CA ASP B 100 -24.04 14.91 -53.36
C ASP B 100 -24.24 16.42 -53.42
N PHE B 101 -23.92 17.09 -52.31
CA PHE B 101 -24.02 18.54 -52.19
C PHE B 101 -23.13 19.30 -53.18
N LEU B 102 -21.89 18.84 -53.32
CA LEU B 102 -20.95 19.43 -54.29
C LEU B 102 -21.42 19.25 -55.73
N GLN B 103 -22.02 18.11 -56.03
CA GLN B 103 -22.55 17.84 -57.36
C GLN B 103 -23.78 18.70 -57.67
N ARG B 104 -24.66 18.86 -56.69
CA ARG B 104 -25.89 19.64 -56.85
C ARG B 104 -25.62 21.16 -56.97
N HIS B 105 -24.71 21.68 -56.14
CA HIS B 105 -24.46 23.12 -56.01
C HIS B 105 -23.09 23.59 -56.53
N ARG B 106 -22.54 22.87 -57.51
CA ARG B 106 -21.25 23.20 -58.12
C ARG B 106 -21.14 24.65 -58.61
N ALA B 107 -22.18 25.14 -59.29
CA ALA B 107 -22.15 26.48 -59.91
C ALA B 107 -22.12 27.64 -58.90
N ARG B 108 -22.49 27.36 -57.65
CA ARG B 108 -22.52 28.37 -56.59
C ARG B 108 -21.45 28.11 -55.52
N LEU B 109 -20.52 27.19 -55.79
CA LEU B 109 -19.46 26.82 -54.84
C LEU B 109 -18.07 27.20 -55.40
N ASP B 110 -17.59 28.39 -55.05
CA ASP B 110 -16.22 28.82 -55.41
C ASP B 110 -15.15 28.15 -54.52
N ALA B 111 -13.88 28.31 -54.91
CA ALA B 111 -12.74 27.72 -54.18
C ALA B 111 -12.65 28.15 -52.72
N SER B 112 -12.99 29.40 -52.43
CA SER B 112 -12.99 29.92 -51.06
C SER B 112 -13.94 29.12 -50.15
N ARG B 113 -15.11 28.75 -50.69
CA ARG B 113 -16.04 27.88 -49.98
C ARG B 113 -15.50 26.47 -49.78
N LEU B 114 -14.91 25.90 -50.83
CA LEU B 114 -14.28 24.59 -50.74
C LEU B 114 -13.13 24.58 -49.73
N LEU B 115 -12.34 25.67 -49.71
CA LEU B 115 -11.33 25.88 -48.66
C LEU B 115 -11.94 25.85 -47.25
N LEU B 116 -13.06 26.54 -47.08
CA LEU B 116 -13.74 26.61 -45.79
C LEU B 116 -14.11 25.19 -45.33
N TYR B 117 -14.71 24.40 -46.23
CA TYR B 117 -15.07 23.04 -45.93
C TYR B 117 -13.84 22.24 -45.52
N SER B 118 -12.80 22.29 -46.35
CA SER B 118 -11.51 21.67 -46.05
C SER B 118 -11.02 22.01 -44.64
N SER B 119 -11.14 23.30 -44.29
CA SER B 119 -10.63 23.83 -43.04
C SER B 119 -11.38 23.24 -41.85
N GLN B 120 -12.70 23.20 -41.98
CA GLN B 120 -13.57 22.61 -40.96
C GLN B 120 -13.35 21.10 -40.81
N ILE B 121 -13.16 20.40 -41.93
CA ILE B 121 -12.87 18.96 -41.90
C ILE B 121 -11.52 18.75 -41.23
N CYS B 122 -10.58 19.65 -41.47
CA CYS B 122 -9.28 19.59 -40.84
C CYS B 122 -9.36 19.75 -39.31
N LYS B 123 -10.14 20.73 -38.87
CA LYS B 123 -10.36 20.98 -37.44
C LYS B 123 -11.03 19.81 -36.73
N GLY B 124 -12.01 19.19 -37.39
CA GLY B 124 -12.64 17.98 -36.88
C GLY B 124 -11.67 16.83 -36.72
N MET B 125 -10.79 16.66 -37.70
CA MET B 125 -9.72 15.66 -37.63
C MET B 125 -8.61 15.96 -36.62
N GLU B 126 -8.30 17.25 -36.43
N GLU B 126 -8.30 17.24 -36.40
CA GLU B 126 -7.43 17.72 -35.34
CA GLU B 126 -7.39 17.63 -35.32
C GLU B 126 -8.03 17.29 -34.00
C GLU B 126 -8.01 17.30 -33.97
N TYR B 127 -9.31 17.52 -33.84
CA TYR B 127 -10.02 17.14 -32.63
C TYR B 127 -10.03 15.62 -32.47
N LEU B 128 -10.29 14.88 -33.55
CA LEU B 128 -10.24 13.42 -33.49
C LEU B 128 -8.88 12.93 -33.07
N GLY B 129 -7.85 13.56 -33.61
CA GLY B 129 -6.47 13.24 -33.26
C GLY B 129 -6.15 13.46 -31.79
N SER B 130 -6.72 14.51 -31.21
CA SER B 130 -6.48 14.81 -29.79
C SER B 130 -7.15 13.79 -28.88
N ARG B 131 -8.25 13.19 -29.34
CA ARG B 131 -8.90 12.08 -28.64
C ARG B 131 -8.28 10.72 -29.01
N ARG B 132 -7.12 10.74 -29.68
CA ARG B 132 -6.43 9.52 -30.08
C ARG B 132 -7.32 8.56 -30.86
N CYS B 133 -8.16 9.13 -31.73
CA CYS B 133 -9.10 8.38 -32.54
C CYS B 133 -8.72 8.42 -34.02
N VAL B 134 -8.68 7.23 -34.63
CA VAL B 134 -8.46 7.06 -36.07
C VAL B 134 -9.83 6.78 -36.73
N HIS B 135 -10.22 7.64 -37.66
CA HIS B 135 -11.53 7.54 -38.29
C HIS B 135 -11.58 6.35 -39.22
N ARG B 136 -10.58 6.24 -40.09
CA ARG B 136 -10.34 5.07 -40.92
C ARG B 136 -11.24 4.98 -42.16
N ASP B 137 -12.08 5.99 -42.39
CA ASP B 137 -13.00 6.02 -43.54
C ASP B 137 -13.40 7.45 -43.92
N LEU B 138 -12.43 8.36 -43.86
CA LEU B 138 -12.67 9.76 -44.16
C LEU B 138 -12.81 9.88 -45.66
N ALA B 139 -13.95 10.39 -46.09
CA ALA B 139 -14.30 10.52 -47.49
C ALA B 139 -15.47 11.50 -47.58
N ALA B 140 -15.65 12.13 -48.74
CA ALA B 140 -16.73 13.11 -48.93
C ALA B 140 -18.16 12.56 -48.75
N ARG B 141 -18.34 11.26 -48.99
N ARG B 141 -18.33 11.25 -49.00
CA ARG B 141 -19.62 10.60 -48.75
CA ARG B 141 -19.58 10.54 -48.76
C ARG B 141 -19.94 10.47 -47.25
C ARG B 141 -19.94 10.47 -47.26
N ASN B 142 -18.92 10.51 -46.40
CA ASN B 142 -19.06 10.44 -44.94
C ASN B 142 -18.99 11.81 -44.24
N ILE B 143 -18.98 12.88 -45.04
CA ILE B 143 -19.07 14.25 -44.52
C ILE B 143 -20.48 14.76 -44.81
N LEU B 144 -21.10 15.37 -43.80
CA LEU B 144 -22.47 15.88 -43.89
C LEU B 144 -22.49 17.39 -43.86
N VAL B 145 -23.50 17.95 -44.50
CA VAL B 145 -23.67 19.39 -44.64
C VAL B 145 -24.70 19.83 -43.61
N GLU B 146 -24.28 20.68 -42.67
CA GLU B 146 -25.17 21.25 -41.67
C GLU B 146 -25.80 22.52 -42.20
N SER B 147 -24.97 23.31 -42.87
CA SER B 147 -25.42 24.47 -43.62
C SER B 147 -24.48 24.66 -44.80
N GLU B 148 -24.79 25.65 -45.64
CA GLU B 148 -23.93 26.03 -46.76
C GLU B 148 -22.50 26.43 -46.40
N ALA B 149 -22.27 26.82 -45.13
CA ALA B 149 -20.95 27.22 -44.62
C ALA B 149 -20.52 26.40 -43.40
N HIS B 150 -21.04 25.19 -43.27
CA HIS B 150 -20.67 24.34 -42.14
C HIS B 150 -20.84 22.86 -42.48
N VAL B 151 -19.75 22.10 -42.36
CA VAL B 151 -19.77 20.64 -42.56
C VAL B 151 -19.30 19.91 -41.31
N LYS B 152 -19.66 18.62 -41.23
CA LYS B 152 -19.38 17.78 -40.05
C LYS B 152 -18.96 16.37 -40.45
N ILE B 153 -18.02 15.78 -39.72
CA ILE B 153 -17.53 14.42 -40.00
C ILE B 153 -18.54 13.40 -39.46
N ALA B 154 -18.87 12.40 -40.27
CA ALA B 154 -19.79 11.34 -39.85
C ALA B 154 -19.18 9.96 -40.12
N ASP B 155 -19.95 8.92 -39.83
CA ASP B 155 -19.58 7.51 -40.05
C ASP B 155 -18.34 7.08 -39.29
N PHE B 156 -18.54 6.75 -38.02
CA PHE B 156 -17.49 6.23 -37.15
C PHE B 156 -17.56 4.70 -37.02
N GLY B 157 -18.19 4.04 -38.00
CA GLY B 157 -18.33 2.60 -38.01
C GLY B 157 -17.05 1.78 -38.11
N LEU B 158 -15.98 2.39 -38.59
CA LEU B 158 -14.66 1.75 -38.66
C LEU B 158 -13.61 2.47 -37.81
N ALA B 159 -14.05 3.42 -36.99
CA ALA B 159 -13.14 4.24 -36.19
C ALA B 159 -12.57 3.42 -35.06
N LYS B 160 -11.31 3.69 -34.74
CA LYS B 160 -10.57 2.96 -33.73
C LYS B 160 -9.83 3.92 -32.82
N LEU B 161 -9.76 3.57 -31.56
CA LEU B 161 -8.92 4.29 -30.62
C LEU B 161 -7.51 3.71 -30.65
N LEU B 162 -6.51 4.58 -30.68
CA LEU B 162 -5.12 4.14 -30.65
C LEU B 162 -4.87 3.54 -29.29
N PRO B 163 -4.08 2.45 -29.23
CA PRO B 163 -3.71 2.01 -27.88
C PRO B 163 -3.03 3.16 -27.11
N LEU B 164 -3.19 3.16 -25.80
CA LEU B 164 -2.65 4.25 -24.97
C LEU B 164 -1.12 4.42 -25.13
N ASP B 165 -0.41 3.31 -25.37
CA ASP B 165 1.05 3.30 -25.50
C ASP B 165 1.61 3.36 -26.94
N LYS B 166 0.75 3.55 -27.94
CA LYS B 166 1.17 3.50 -29.36
C LYS B 166 0.47 4.55 -30.25
N ASP B 167 1.09 4.90 -31.37
CA ASP B 167 0.53 5.87 -32.35
C ASP B 167 0.04 5.20 -33.65
N PTR B 168 -0.09 3.89 -33.63
CA PTR B 168 -0.63 3.14 -34.76
C PTR B 168 -1.41 1.93 -34.30
O PTR B 168 -1.25 1.48 -33.15
CB PTR B 168 0.44 2.65 -35.74
CG PTR B 168 1.42 1.63 -35.20
CD1 PTR B 168 1.37 0.29 -35.63
CD2 PTR B 168 2.39 1.98 -34.27
CE1 PTR B 168 2.28 -0.66 -35.13
CE2 PTR B 168 3.30 1.05 -33.78
CZ PTR B 168 3.24 -0.27 -34.20
OH PTR B 168 4.07 -1.08 -33.76
P PTR B 168 3.68 -2.26 -32.74
O1P PTR B 168 2.67 -1.77 -31.69
O2P PTR B 168 3.06 -3.34 -33.54
O3P PTR B 168 4.93 -2.79 -32.02
N PTR B 169 -2.22 1.40 -35.21
CA PTR B 169 -3.05 0.26 -34.92
C PTR B 169 -3.14 -0.60 -36.18
O PTR B 169 -3.56 -0.12 -37.23
CB PTR B 169 -4.43 0.76 -34.44
CG PTR B 169 -5.43 -0.35 -34.31
CD1 PTR B 169 -6.58 -0.38 -35.09
CD2 PTR B 169 -5.22 -1.42 -33.44
CE1 PTR B 169 -7.50 -1.42 -34.99
CE2 PTR B 169 -6.13 -2.47 -33.31
CZ PTR B 169 -7.29 -2.46 -34.10
OH PTR B 169 -8.12 -3.39 -34.04
P PTR B 169 -8.83 -3.95 -32.70
O1P PTR B 169 -8.51 -3.09 -31.46
O2P PTR B 169 -8.35 -5.33 -32.48
O3P PTR B 169 -10.35 -3.96 -32.92
N VAL B 170 -2.72 -1.86 -36.04
CA VAL B 170 -2.82 -2.85 -37.10
C VAL B 170 -4.22 -3.49 -37.06
N VAL B 171 -4.98 -3.38 -38.15
CA VAL B 171 -6.24 -4.13 -38.28
C VAL B 171 -5.99 -5.47 -38.96
N GLN B 176 -11.90 -3.69 -45.87
CA GLN B 176 -12.87 -3.94 -46.95
C GLN B 176 -13.71 -2.71 -47.36
N SER B 177 -13.16 -1.50 -47.13
CA SER B 177 -13.75 -0.24 -47.60
C SER B 177 -12.99 0.21 -48.87
N PRO B 178 -13.49 1.26 -49.57
CA PRO B 178 -12.81 1.73 -50.79
C PRO B 178 -11.30 1.97 -50.63
N ILE B 179 -10.53 1.12 -51.32
CA ILE B 179 -9.06 1.15 -51.31
C ILE B 179 -8.42 2.47 -51.77
N PHE B 180 -9.15 3.23 -52.59
CA PHE B 180 -8.63 4.47 -53.20
C PHE B 180 -8.51 5.67 -52.25
N TRP B 181 -8.94 5.51 -51.00
CA TRP B 181 -8.71 6.50 -49.94
C TRP B 181 -7.65 6.03 -48.93
N TYR B 182 -7.14 4.82 -49.07
CA TYR B 182 -6.19 4.27 -48.09
C TYR B 182 -4.73 4.64 -48.38
N ALA B 183 -3.99 4.80 -47.30
CA ALA B 183 -2.55 5.05 -47.34
C ALA B 183 -1.81 3.74 -47.72
N PRO B 184 -0.61 3.84 -48.33
CA PRO B 184 0.14 2.64 -48.71
C PRO B 184 0.38 1.63 -47.58
N GLU B 185 0.81 2.11 -46.41
CA GLU B 185 0.99 1.26 -45.22
C GLU B 185 -0.32 0.60 -44.71
N SER B 186 -1.48 1.20 -44.99
CA SER B 186 -2.77 0.54 -44.75
C SER B 186 -3.00 -0.58 -45.77
N LEU B 187 -2.76 -0.30 -47.06
CA LEU B 187 -2.92 -1.31 -48.12
C LEU B 187 -1.98 -2.52 -47.98
N SER B 188 -0.74 -2.28 -47.54
CA SER B 188 0.31 -3.34 -47.49
C SER B 188 0.35 -4.09 -46.17
N ASP B 189 0.24 -3.36 -45.06
CA ASP B 189 0.44 -3.92 -43.71
C ASP B 189 -0.75 -3.74 -42.76
N ASN B 190 -1.89 -3.28 -43.28
CA ASN B 190 -3.11 -3.01 -42.48
C ASN B 190 -2.85 -2.04 -41.30
N ILE B 191 -1.92 -1.11 -41.49
CA ILE B 191 -1.51 -0.17 -40.46
C ILE B 191 -2.33 1.10 -40.61
N PHE B 192 -2.94 1.53 -39.52
CA PHE B 192 -3.75 2.74 -39.49
C PHE B 192 -3.31 3.62 -38.34
N SER B 193 -3.40 4.92 -38.56
CA SER B 193 -2.87 5.93 -37.65
C SER B 193 -3.49 7.30 -37.97
N ARG B 194 -3.14 8.32 -37.20
CA ARG B 194 -3.56 9.68 -37.52
C ARG B 194 -3.01 10.14 -38.88
N GLN B 195 -1.78 9.77 -39.20
N GLN B 195 -1.77 9.75 -39.16
CA GLN B 195 -1.17 10.16 -40.47
CA GLN B 195 -1.09 10.07 -40.43
C GLN B 195 -1.70 9.33 -41.66
C GLN B 195 -1.75 9.36 -41.63
N SER B 196 -2.34 8.20 -41.38
CA SER B 196 -3.13 7.45 -42.38
C SER B 196 -4.43 8.18 -42.71
N ASP B 197 -5.07 8.74 -41.68
CA ASP B 197 -6.17 9.69 -41.89
C ASP B 197 -5.76 10.92 -42.69
N VAL B 198 -4.53 11.40 -42.47
CA VAL B 198 -4.00 12.53 -43.25
C VAL B 198 -3.95 12.17 -44.72
N TRP B 199 -3.45 10.98 -45.06
CA TRP B 199 -3.48 10.51 -46.46
C TRP B 199 -4.91 10.60 -47.03
N SER B 200 -5.88 10.07 -46.30
CA SER B 200 -7.28 10.12 -46.69
C SER B 200 -7.80 11.56 -46.84
N PHE B 201 -7.39 12.45 -45.93
CA PHE B 201 -7.79 13.87 -46.01
C PHE B 201 -7.34 14.50 -47.32
N GLY B 202 -6.21 14.05 -47.86
CA GLY B 202 -5.75 14.49 -49.18
C GLY B 202 -6.63 14.06 -50.35
N VAL B 203 -7.19 12.86 -50.26
CA VAL B 203 -8.18 12.40 -51.23
C VAL B 203 -9.48 13.20 -51.07
N VAL B 204 -9.86 13.51 -49.83
CA VAL B 204 -11.00 14.40 -49.54
C VAL B 204 -10.82 15.78 -50.18
N LEU B 205 -9.57 16.27 -50.20
CA LEU B 205 -9.24 17.56 -50.83
C LEU B 205 -9.42 17.46 -52.34
N TYR B 206 -8.87 16.39 -52.91
CA TYR B 206 -9.10 16.07 -54.31
C TYR B 206 -10.60 16.02 -54.62
N GLU B 207 -11.38 15.36 -53.78
CA GLU B 207 -12.84 15.30 -53.95
C GLU B 207 -13.49 16.67 -53.96
N LEU B 208 -13.15 17.49 -52.98
CA LEU B 208 -13.67 18.86 -52.86
C LEU B 208 -13.42 19.67 -54.12
N PHE B 209 -12.20 19.61 -54.66
CA PHE B 209 -11.81 20.43 -55.82
C PHE B 209 -12.08 19.80 -57.19
N THR B 210 -12.67 18.61 -57.20
CA THR B 210 -13.32 18.05 -58.38
C THR B 210 -14.85 18.06 -58.25
N TYR B 211 -15.37 18.63 -57.15
CA TYR B 211 -16.80 18.63 -56.84
C TYR B 211 -17.43 17.24 -56.85
N CYS B 212 -16.64 16.23 -56.49
CA CYS B 212 -17.02 14.82 -56.60
C CYS B 212 -17.60 14.47 -57.96
N ASP B 213 -17.01 15.03 -59.02
CA ASP B 213 -17.34 14.69 -60.39
C ASP B 213 -16.99 13.21 -60.58
N LYS B 214 -17.96 12.42 -61.02
CA LYS B 214 -17.77 10.96 -61.19
C LYS B 214 -16.71 10.58 -62.24
N SER B 215 -16.55 11.43 -63.26
CA SER B 215 -15.63 11.15 -64.36
C SER B 215 -14.16 11.25 -63.94
N CYS B 216 -13.84 12.12 -62.99
CA CYS B 216 -12.48 12.21 -62.46
C CYS B 216 -12.43 11.83 -60.97
N SER B 217 -13.19 10.82 -60.57
CA SER B 217 -13.20 10.36 -59.17
C SER B 217 -11.91 9.59 -58.86
N PRO B 218 -11.62 9.33 -57.57
CA PRO B 218 -10.45 8.53 -57.24
C PRO B 218 -10.48 7.11 -57.84
N SER B 219 -11.65 6.47 -57.85
CA SER B 219 -11.86 5.23 -58.59
C SER B 219 -11.50 5.37 -60.05
N ALA B 220 -12.10 6.36 -60.71
CA ALA B 220 -11.96 6.56 -62.15
C ALA B 220 -10.50 6.77 -62.56
N GLU B 221 -9.81 7.64 -61.83
CA GLU B 221 -8.39 7.96 -62.13
C GLU B 221 -7.45 6.80 -61.87
N PHE B 222 -7.51 6.20 -60.68
CA PHE B 222 -6.64 5.06 -60.35
C PHE B 222 -6.90 3.85 -61.25
N LEU B 223 -8.18 3.52 -61.46
CA LEU B 223 -8.55 2.40 -62.35
C LEU B 223 -7.95 2.54 -63.76
N ARG B 224 -7.99 3.75 -64.32
CA ARG B 224 -7.40 4.03 -65.64
C ARG B 224 -5.87 4.25 -65.61
N MET B 225 -5.36 4.67 -64.46
N MET B 225 -5.35 4.69 -64.46
CA MET B 225 -3.90 4.77 -64.23
CA MET B 225 -3.90 4.76 -64.24
C MET B 225 -3.26 3.37 -64.23
C MET B 225 -3.26 3.37 -64.24
N MET B 226 -3.96 2.41 -63.64
CA MET B 226 -3.51 1.01 -63.58
C MET B 226 -4.01 0.22 -64.80
N GLY B 227 -3.72 -1.08 -64.83
CA GLY B 227 -3.91 -1.92 -66.03
C GLY B 227 -5.33 -2.09 -66.56
N SER B 228 -5.41 -2.49 -67.84
CA SER B 228 -6.69 -2.75 -68.52
C SER B 228 -7.10 -4.24 -68.52
N GLU B 229 -6.56 -5.01 -67.57
CA GLU B 229 -6.99 -6.40 -67.33
C GLU B 229 -6.89 -6.76 -65.85
N ARG B 230 -7.56 -7.86 -65.48
CA ARG B 230 -7.56 -8.38 -64.10
C ARG B 230 -6.75 -9.67 -64.02
N PRO B 233 -5.43 -8.37 -59.26
CA PRO B 233 -6.27 -7.88 -58.17
C PRO B 233 -6.01 -6.41 -57.89
N ALA B 234 -7.08 -5.61 -57.87
CA ALA B 234 -6.99 -4.14 -57.83
C ALA B 234 -6.18 -3.57 -56.67
N LEU B 235 -6.17 -4.25 -55.52
CA LEU B 235 -5.42 -3.78 -54.34
C LEU B 235 -3.90 -3.86 -54.54
N SER B 236 -3.43 -5.02 -54.99
CA SER B 236 -1.98 -5.25 -55.21
C SER B 236 -1.40 -4.27 -56.24
N ARG B 237 -2.17 -4.02 -57.30
CA ARG B 237 -1.79 -3.11 -58.38
C ARG B 237 -1.75 -1.65 -57.90
N LEU B 238 -2.69 -1.29 -57.03
CA LEU B 238 -2.76 0.05 -56.45
C LEU B 238 -1.55 0.38 -55.57
N LEU B 239 -1.12 -0.59 -54.75
CA LEU B 239 0.13 -0.50 -53.97
C LEU B 239 1.33 -0.25 -54.88
N GLU B 240 1.41 -1.02 -55.96
CA GLU B 240 2.50 -0.91 -56.93
C GLU B 240 2.53 0.49 -57.56
N LEU B 241 1.35 1.05 -57.87
CA LEU B 241 1.25 2.42 -58.39
C LEU B 241 1.73 3.45 -57.39
N LEU B 242 1.20 3.37 -56.18
CA LEU B 242 1.52 4.33 -55.12
C LEU B 242 3.00 4.26 -54.70
N GLU B 243 3.58 3.06 -54.70
CA GLU B 243 5.00 2.86 -54.34
C GLU B 243 5.99 3.34 -55.42
N GLU B 244 5.56 3.36 -56.68
CA GLU B 244 6.31 4.04 -57.77
C GLU B 244 6.26 5.56 -57.68
N GLY B 245 5.34 6.08 -56.87
CA GLY B 245 5.17 7.52 -56.68
C GLY B 245 4.09 8.12 -57.56
N GLN B 246 3.17 7.30 -58.06
CA GLN B 246 2.05 7.80 -58.85
C GLN B 246 0.98 8.31 -57.91
N ARG B 247 0.36 9.42 -58.30
CA ARG B 247 -0.64 10.08 -57.48
C ARG B 247 -1.77 10.56 -58.38
N LEU B 248 -2.91 10.86 -57.76
CA LEU B 248 -4.04 11.45 -58.46
C LEU B 248 -3.61 12.80 -59.02
N PRO B 249 -4.11 13.16 -60.21
CA PRO B 249 -3.61 14.37 -60.87
C PRO B 249 -4.22 15.62 -60.24
N ALA B 250 -3.68 16.78 -60.61
CA ALA B 250 -4.22 18.06 -60.13
C ALA B 250 -5.65 18.18 -60.64
N PRO B 251 -6.61 18.49 -59.75
CA PRO B 251 -7.99 18.62 -60.23
C PRO B 251 -8.12 19.75 -61.27
N PRO B 252 -8.96 19.55 -62.31
CA PRO B 252 -9.14 20.57 -63.37
C PRO B 252 -9.34 21.99 -62.82
N ALA B 253 -8.36 22.87 -63.09
CA ALA B 253 -8.36 24.24 -62.59
C ALA B 253 -8.37 24.35 -61.06
N CYS B 254 -7.67 23.41 -60.40
CA CYS B 254 -7.46 23.48 -58.94
C CYS B 254 -6.29 24.42 -58.67
N PRO B 255 -6.43 25.29 -57.65
CA PRO B 255 -5.33 26.13 -57.22
C PRO B 255 -4.06 25.34 -56.88
N ALA B 256 -2.94 25.77 -57.48
CA ALA B 256 -1.65 25.09 -57.28
C ALA B 256 -1.32 24.89 -55.80
N GLU B 257 -1.48 25.95 -55.02
CA GLU B 257 -1.21 25.95 -53.57
C GLU B 257 -1.92 24.79 -52.84
N VAL B 258 -3.17 24.54 -53.22
CA VAL B 258 -3.95 23.44 -52.67
C VAL B 258 -3.44 22.07 -53.13
N HIS B 259 -3.13 21.93 -54.42
CA HIS B 259 -2.57 20.67 -54.95
C HIS B 259 -1.29 20.25 -54.23
N GLU B 260 -0.45 21.23 -53.92
CA GLU B 260 0.78 20.99 -53.17
C GLU B 260 0.51 20.45 -51.76
N LEU B 261 -0.54 20.95 -51.10
CA LEU B 261 -0.93 20.40 -49.81
C LEU B 261 -1.38 18.95 -49.94
N MET B 262 -2.16 18.66 -51.00
CA MET B 262 -2.57 17.28 -51.27
C MET B 262 -1.35 16.37 -51.39
N LYS B 263 -0.36 16.83 -52.16
CA LYS B 263 0.86 16.04 -52.38
C LYS B 263 1.63 15.79 -51.10
N LEU B 264 1.60 16.75 -50.16
CA LEU B 264 2.23 16.56 -48.85
C LEU B 264 1.46 15.53 -48.04
N CYS B 265 0.14 15.61 -48.06
CA CYS B 265 -0.71 14.59 -47.42
C CYS B 265 -0.44 13.17 -47.90
N TRP B 266 0.02 13.04 -49.15
CA TRP B 266 0.35 11.74 -49.74
C TRP B 266 1.85 11.46 -49.79
N ALA B 267 2.57 11.87 -48.76
CA ALA B 267 4.00 11.56 -48.65
C ALA B 267 4.10 10.06 -48.47
N PRO B 268 5.08 9.39 -49.12
CA PRO B 268 5.20 7.94 -48.95
C PRO B 268 5.25 7.51 -47.48
N SER B 269 6.16 8.10 -46.72
CA SER B 269 6.35 7.78 -45.31
C SER B 269 5.36 8.58 -44.45
N PRO B 270 4.63 7.89 -43.53
CA PRO B 270 3.67 8.53 -42.62
C PRO B 270 4.20 9.76 -41.86
N GLN B 271 5.48 9.71 -41.49
CA GLN B 271 6.09 10.77 -40.67
C GLN B 271 6.37 12.04 -41.46
N ASP B 272 6.53 11.91 -42.78
CA ASP B 272 6.71 13.06 -43.69
C ASP B 272 5.40 13.78 -44.04
N ARG B 273 4.27 13.17 -43.70
CA ARG B 273 2.96 13.79 -43.96
C ARG B 273 2.68 14.80 -42.88
N PRO B 274 2.14 15.97 -43.27
CA PRO B 274 1.87 17.00 -42.26
C PRO B 274 0.81 16.56 -41.26
N SER B 275 0.82 17.15 -40.08
CA SER B 275 -0.20 16.90 -39.09
C SER B 275 -1.42 17.77 -39.41
N PHE B 276 -2.57 17.37 -38.89
CA PHE B 276 -3.76 18.19 -39.05
C PHE B 276 -3.58 19.56 -38.37
N SER B 277 -2.85 19.60 -37.26
CA SER B 277 -2.50 20.87 -36.59
C SER B 277 -1.70 21.76 -37.50
N ALA B 278 -0.80 21.18 -38.28
CA ALA B 278 0.01 21.92 -39.25
C ALA B 278 -0.77 22.30 -40.54
N LEU B 279 -1.68 21.42 -41.00
CA LEU B 279 -2.52 21.67 -42.20
C LEU B 279 -3.53 22.81 -42.02
N GLY B 280 -4.15 22.87 -40.86
CA GLY B 280 -5.18 23.87 -40.53
C GLY B 280 -4.85 25.30 -40.89
N PRO B 281 -3.78 25.86 -40.29
CA PRO B 281 -3.33 27.20 -40.65
C PRO B 281 -2.91 27.36 -42.09
N GLN B 282 -2.36 26.31 -42.70
CA GLN B 282 -1.94 26.41 -44.08
C GLN B 282 -3.17 26.49 -44.98
N LEU B 283 -4.28 25.86 -44.57
CA LEU B 283 -5.54 25.99 -45.32
C LEU B 283 -6.19 27.36 -45.12
N ASP B 284 -6.30 27.80 -43.86
CA ASP B 284 -6.91 29.10 -43.54
C ASP B 284 -6.16 30.30 -44.12
N MET B 285 -4.84 30.20 -44.22
CA MET B 285 -4.00 31.34 -44.62
C MET B 285 -3.72 31.43 -46.12
N LEU B 286 -4.17 30.43 -46.89
CA LEU B 286 -4.13 30.50 -48.35
C LEU B 286 -5.11 31.58 -48.77
N TRP B 287 -4.61 32.53 -49.55
CA TRP B 287 -5.40 33.67 -50.04
C TRP B 287 -5.77 34.61 -48.88
N SER B 288 -4.76 35.33 -48.40
CA SER B 288 -4.92 36.35 -47.35
C SER B 288 -3.72 37.28 -47.29
N PRO C 2 -8.98 14.34 39.06
CA PRO C 2 -9.14 15.15 37.85
C PRO C 2 -8.59 14.50 36.56
N THR C 3 -7.42 13.85 36.67
CA THR C 3 -6.79 13.17 35.54
C THR C 3 -7.29 11.71 35.33
N ILE C 4 -8.39 11.32 35.99
CA ILE C 4 -9.03 10.01 35.73
C ILE C 4 -10.37 10.24 35.02
N PHE C 5 -10.45 9.75 33.79
CA PHE C 5 -11.64 9.87 32.94
C PHE C 5 -12.40 8.54 32.93
N GLU C 6 -13.68 8.56 33.26
CA GLU C 6 -14.49 7.33 33.27
C GLU C 6 -14.87 6.95 31.85
N GLU C 7 -14.61 5.69 31.49
CA GLU C 7 -14.82 5.17 30.11
C GLU C 7 -16.23 5.39 29.56
N ARG C 8 -17.24 5.26 30.43
CA ARG C 8 -18.64 5.39 30.02
C ARG C 8 -19.08 6.83 29.64
N HIS C 9 -18.29 7.82 30.03
CA HIS C 9 -18.51 9.22 29.62
C HIS C 9 -17.71 9.65 28.39
N LEU C 10 -16.78 8.82 27.91
CA LEU C 10 -16.10 9.06 26.62
C LEU C 10 -17.03 8.74 25.45
N LYS C 11 -17.49 9.79 24.79
CA LYS C 11 -18.32 9.68 23.59
C LYS C 11 -17.40 9.73 22.38
N TYR C 12 -17.32 8.63 21.63
CA TYR C 12 -16.48 8.53 20.43
C TYR C 12 -17.09 9.29 19.27
N ILE C 13 -16.32 10.21 18.69
CA ILE C 13 -16.78 11.00 17.55
C ILE C 13 -16.21 10.47 16.21
N SER C 14 -14.89 10.41 16.13
CA SER C 14 -14.20 10.06 14.89
C SER C 14 -12.76 9.70 15.17
N GLN C 15 -12.10 9.13 14.18
CA GLN C 15 -10.67 8.79 14.29
C GLN C 15 -9.83 9.94 13.75
N LEU C 16 -8.82 10.36 14.52
CA LEU C 16 -7.92 11.45 14.09
C LEU C 16 -6.71 10.90 13.33
N GLY C 17 -6.09 9.87 13.88
CA GLY C 17 -4.90 9.30 13.27
C GLY C 17 -4.72 7.86 13.68
N LYS C 18 -3.97 7.15 12.85
CA LYS C 18 -3.78 5.73 12.99
C LYS C 18 -2.28 5.50 13.12
N GLY C 19 -1.90 4.68 14.10
CA GLY C 19 -0.52 4.21 14.26
C GLY C 19 -0.41 2.75 13.88
N ASN C 20 0.81 2.24 13.83
CA ASN C 20 1.05 0.82 13.55
C ASN C 20 0.38 -0.10 14.56
N PHE C 21 0.34 0.32 15.81
CA PHE C 21 -0.25 -0.48 16.90
C PHE C 21 -1.46 0.13 17.62
N GLY C 22 -1.72 1.42 17.41
CA GLY C 22 -2.93 2.06 17.96
C GLY C 22 -3.55 3.15 17.10
N SER C 23 -4.60 3.77 17.62
CA SER C 23 -5.24 4.92 16.97
C SER C 23 -5.53 6.02 17.99
N VAL C 24 -5.62 7.26 17.52
CA VAL C 24 -6.03 8.40 18.34
C VAL C 24 -7.42 8.81 17.87
N GLU C 25 -8.37 8.82 18.81
CA GLU C 25 -9.78 9.09 18.51
C GLU C 25 -10.17 10.46 19.07
N LEU C 26 -11.00 11.20 18.34
CA LEU C 26 -11.64 12.41 18.87
C LEU C 26 -12.83 11.96 19.71
N CYS C 27 -12.81 12.28 21.00
CA CYS C 27 -13.90 11.94 21.90
C CYS C 27 -14.42 13.18 22.59
N ARG C 28 -15.69 13.15 22.98
CA ARG C 28 -16.23 14.15 23.90
C ARG C 28 -16.32 13.49 25.27
N TYR C 29 -15.58 14.01 26.26
CA TYR C 29 -15.73 13.55 27.64
C TYR C 29 -16.95 14.24 28.17
N ASP C 30 -18.06 13.51 28.32
CA ASP C 30 -19.36 14.10 28.62
C ASP C 30 -20.06 13.51 29.85
N PRO C 31 -19.52 13.79 31.06
CA PRO C 31 -20.09 13.24 32.29
C PRO C 31 -21.55 13.64 32.60
N LEU C 32 -21.95 14.85 32.18
CA LEU C 32 -23.34 15.34 32.40
C LEU C 32 -24.36 14.82 31.37
N GLY C 33 -23.87 14.23 30.27
CA GLY C 33 -24.74 13.64 29.24
C GLY C 33 -25.51 14.64 28.36
N ASP C 34 -25.07 15.90 28.35
CA ASP C 34 -25.77 16.98 27.63
C ASP C 34 -24.91 17.66 26.53
N ASN C 35 -23.83 16.99 26.13
CA ASN C 35 -22.91 17.46 25.07
C ASN C 35 -22.24 18.82 25.30
N THR C 36 -22.09 19.20 26.57
CA THR C 36 -21.39 20.41 26.97
C THR C 36 -19.92 20.14 27.32
N GLY C 37 -19.57 18.86 27.44
CA GLY C 37 -18.23 18.46 27.85
C GLY C 37 -17.17 18.68 26.78
N ALA C 38 -15.92 18.80 27.22
CA ALA C 38 -14.78 19.13 26.37
C ALA C 38 -14.43 18.00 25.41
N LEU C 39 -14.07 18.38 24.17
CA LEU C 39 -13.51 17.45 23.19
C LEU C 39 -12.05 17.14 23.53
N VAL C 40 -11.69 15.86 23.45
CA VAL C 40 -10.36 15.37 23.79
C VAL C 40 -9.86 14.40 22.74
N ALA C 41 -8.55 14.20 22.72
CA ALA C 41 -7.93 13.23 21.83
C ALA C 41 -7.54 12.04 22.70
N VAL C 42 -8.02 10.84 22.35
CA VAL C 42 -7.78 9.66 23.17
C VAL C 42 -7.07 8.58 22.34
N LYS C 43 -5.92 8.12 22.85
CA LYS C 43 -5.20 7.00 22.23
C LYS C 43 -5.57 5.68 22.89
N GLN C 44 -5.81 4.65 22.06
CA GLN C 44 -5.94 3.27 22.50
C GLN C 44 -5.14 2.35 21.58
N LEU C 45 -4.73 1.19 22.09
CA LEU C 45 -4.06 0.17 21.28
C LEU C 45 -5.10 -0.61 20.48
N GLN C 46 -4.70 -1.10 19.29
CA GLN C 46 -5.59 -1.85 18.39
C GLN C 46 -5.09 -3.28 18.14
N HIS C 47 -3.83 -3.40 17.72
CA HIS C 47 -3.18 -4.70 17.53
C HIS C 47 -2.32 -4.96 18.76
N SER C 48 -2.99 -5.06 19.91
CA SER C 48 -2.34 -5.09 21.20
C SER C 48 -1.93 -6.52 21.60
N GLY C 49 -0.64 -6.80 21.44
CA GLY C 49 0.03 -7.86 22.19
C GLY C 49 0.67 -7.26 23.45
N PRO C 50 1.05 -8.12 24.42
CA PRO C 50 1.71 -7.64 25.66
C PRO C 50 2.90 -6.69 25.48
N ASP C 51 3.73 -6.91 24.45
CA ASP C 51 4.88 -6.03 24.17
C ASP C 51 4.48 -4.57 24.00
N GLN C 52 3.38 -4.36 23.28
CA GLN C 52 2.91 -3.02 22.96
C GLN C 52 2.15 -2.40 24.13
N GLN C 53 1.49 -3.25 24.93
CA GLN C 53 0.81 -2.81 26.15
C GLN C 53 1.80 -2.28 27.21
N ARG C 54 2.96 -2.93 27.34
N ARG C 54 2.95 -2.94 27.35
CA ARG C 54 4.01 -2.45 28.25
CA ARG C 54 4.03 -2.46 28.23
C ARG C 54 4.62 -1.12 27.75
C ARG C 54 4.60 -1.11 27.74
N ASP C 55 4.82 -1.00 26.43
CA ASP C 55 5.26 0.27 25.82
C ASP C 55 4.28 1.41 26.06
N PHE C 56 3.00 1.11 25.95
CA PHE C 56 1.96 2.12 26.13
C PHE C 56 1.94 2.63 27.58
N GLN C 57 2.15 1.73 28.54
CA GLN C 57 2.33 2.13 29.92
C GLN C 57 3.52 3.06 30.16
N ARG C 58 4.64 2.78 29.49
CA ARG C 58 5.80 3.70 29.52
C ARG C 58 5.48 5.04 28.85
N GLU C 59 4.90 5.00 27.66
CA GLU C 59 4.45 6.19 26.93
C GLU C 59 3.57 7.10 27.79
N ILE C 60 2.60 6.52 28.46
CA ILE C 60 1.69 7.29 29.33
C ILE C 60 2.45 8.02 30.45
N GLN C 61 3.45 7.36 31.06
CA GLN C 61 4.22 7.95 32.15
C GLN C 61 5.21 8.99 31.66
N ILE C 62 5.81 8.75 30.49
CA ILE C 62 6.65 9.75 29.83
C ILE C 62 5.86 11.03 29.57
N LEU C 63 4.80 10.94 28.76
CA LEU C 63 3.99 12.11 28.39
C LEU C 63 3.47 12.87 29.62
N LYS C 64 2.95 12.12 30.58
CA LYS C 64 2.50 12.64 31.86
C LYS C 64 3.54 13.53 32.54
N ALA C 65 4.81 13.15 32.43
CA ALA C 65 5.89 13.80 33.16
C ALA C 65 6.54 14.98 32.41
N LEU C 66 6.18 15.17 31.14
CA LEU C 66 6.76 16.22 30.30
C LEU C 66 5.89 17.47 30.38
N HIS C 67 6.50 18.64 30.59
CA HIS C 67 5.81 19.91 30.74
C HIS C 67 6.49 20.97 29.88
N SER C 68 5.99 21.12 28.66
CA SER C 68 6.50 22.11 27.72
C SER C 68 5.37 22.72 26.94
N ASP C 69 5.54 23.98 26.54
CA ASP C 69 4.63 24.62 25.57
C ASP C 69 4.66 23.99 24.18
N PHE C 70 5.71 23.20 23.90
CA PHE C 70 5.93 22.64 22.59
C PHE C 70 5.78 21.13 22.54
N ILE C 71 5.08 20.58 23.53
CA ILE C 71 4.79 19.15 23.60
C ILE C 71 3.35 18.96 24.02
N VAL C 72 2.63 18.13 23.28
CA VAL C 72 1.21 17.90 23.50
C VAL C 72 0.92 17.59 24.96
N LYS C 73 -0.15 18.18 25.49
CA LYS C 73 -0.50 18.03 26.89
C LYS C 73 -1.18 16.72 27.19
N TYR C 74 -0.68 16.09 28.25
CA TYR C 74 -1.34 14.98 28.90
C TYR C 74 -2.49 15.54 29.70
N ARG C 75 -3.68 14.94 29.57
N ARG C 75 -3.68 14.94 29.55
CA ARG C 75 -4.84 15.28 30.41
CA ARG C 75 -4.86 15.23 30.37
C ARG C 75 -5.15 14.20 31.44
C ARG C 75 -5.06 14.19 31.46
N GLY C 76 -4.99 12.93 31.06
CA GLY C 76 -5.27 11.81 31.97
C GLY C 76 -5.26 10.46 31.28
N VAL C 77 -5.86 9.49 31.95
CA VAL C 77 -6.06 8.13 31.44
C VAL C 77 -7.47 7.66 31.76
N SER C 78 -7.89 6.63 31.02
CA SER C 78 -9.17 5.95 31.28
C SER C 78 -9.00 4.42 31.23
N TYR C 79 -9.61 3.72 32.18
CA TYR C 79 -9.53 2.25 32.29
C TYR C 79 -10.84 1.61 31.86
N LEU C 86 -6.92 0.27 28.81
CA LEU C 86 -6.21 1.50 29.15
C LEU C 86 -6.27 2.48 27.97
N ARG C 87 -6.68 3.71 28.23
CA ARG C 87 -6.68 4.77 27.22
C ARG C 87 -5.89 5.98 27.73
N LEU C 88 -5.21 6.66 26.80
CA LEU C 88 -4.44 7.89 27.10
C LEU C 88 -5.20 9.12 26.61
N VAL C 89 -5.68 9.95 27.54
CA VAL C 89 -6.37 11.19 27.20
C VAL C 89 -5.40 12.36 27.11
N MET C 90 -5.47 13.09 26.00
CA MET C 90 -4.63 14.26 25.71
C MET C 90 -5.49 15.46 25.30
N GLU C 91 -4.88 16.63 25.19
CA GLU C 91 -5.55 17.81 24.66
C GLU C 91 -5.83 17.62 23.17
N TYR C 92 -6.99 18.08 22.75
CA TYR C 92 -7.39 18.03 21.34
C TYR C 92 -6.98 19.35 20.70
N LEU C 93 -6.15 19.26 19.68
CA LEU C 93 -5.77 20.41 18.89
C LEU C 93 -6.51 20.34 17.52
N PRO C 94 -7.61 21.10 17.36
CA PRO C 94 -8.45 20.96 16.16
C PRO C 94 -7.79 21.31 14.82
N SER C 95 -6.77 22.16 14.84
CA SER C 95 -6.10 22.56 13.61
C SER C 95 -5.42 21.38 12.91
N GLY C 96 -5.08 20.33 13.67
CA GLY C 96 -4.65 19.05 13.08
C GLY C 96 -3.15 18.91 13.04
N CYS C 97 -2.65 17.96 12.24
CA CYS C 97 -1.19 17.76 12.14
C CYS C 97 -0.59 18.79 11.22
N LEU C 98 0.71 19.01 11.37
CA LEU C 98 1.40 20.09 10.68
C LEU C 98 1.54 19.75 9.20
N ARG C 99 1.78 18.47 8.92
CA ARG C 99 1.85 17.94 7.54
C ARG C 99 0.69 18.38 6.69
N ASP C 100 -0.53 18.19 7.20
CA ASP C 100 -1.75 18.58 6.48
C ASP C 100 -1.95 20.10 6.48
N PHE C 101 -1.64 20.73 7.61
CA PHE C 101 -1.71 22.20 7.76
C PHE C 101 -0.85 22.92 6.73
N LEU C 102 0.39 22.47 6.57
CA LEU C 102 1.31 22.99 5.55
C LEU C 102 0.77 22.88 4.12
N GLN C 103 0.12 21.75 3.81
CA GLN C 103 -0.45 21.54 2.47
C GLN C 103 -1.67 22.43 2.21
N ARG C 104 -2.57 22.51 3.18
CA ARG C 104 -3.80 23.30 3.07
C ARG C 104 -3.52 24.81 2.94
N HIS C 105 -2.59 25.31 3.74
CA HIS C 105 -2.34 26.74 3.87
C HIS C 105 -1.02 27.20 3.26
N ARG C 106 -0.48 26.40 2.34
CA ARG C 106 0.80 26.67 1.66
C ARG C 106 0.91 28.11 1.15
N ALA C 107 -0.11 28.57 0.42
CA ALA C 107 -0.09 29.89 -0.22
C ALA C 107 0.00 31.08 0.76
N ARG C 108 -0.44 30.87 1.99
CA ARG C 108 -0.40 31.88 3.05
C ARG C 108 0.78 31.77 4.00
N LEU C 109 1.50 30.64 3.98
CA LEU C 109 2.63 30.40 4.87
C LEU C 109 3.92 30.77 4.18
N ASP C 110 4.70 31.68 4.76
CA ASP C 110 5.99 32.09 4.18
C ASP C 110 7.17 31.45 4.92
N ALA C 111 8.37 31.65 4.39
CA ALA C 111 9.62 31.15 4.99
C ALA C 111 9.82 31.58 6.47
N SER C 112 9.45 32.81 6.81
CA SER C 112 9.53 33.29 8.21
C SER C 112 8.67 32.43 9.14
N ARG C 113 7.46 32.11 8.68
CA ARG C 113 6.55 31.26 9.43
C ARG C 113 7.05 29.84 9.58
N LEU C 114 7.59 29.27 8.51
CA LEU C 114 8.19 27.92 8.59
C LEU C 114 9.37 27.91 9.56
N LEU C 115 10.08 29.03 9.64
CA LEU C 115 11.23 29.17 10.54
C LEU C 115 10.74 29.20 12.00
N LEU C 116 9.66 29.94 12.26
CA LEU C 116 8.98 29.95 13.58
C LEU C 116 8.63 28.55 14.04
N TYR C 117 7.95 27.77 13.21
CA TYR C 117 7.62 26.38 13.54
C TYR C 117 8.87 25.57 13.85
N SER C 118 9.88 25.70 12.98
CA SER C 118 11.09 24.90 13.12
C SER C 118 11.78 25.27 14.42
N SER C 119 11.77 26.57 14.74
CA SER C 119 12.28 27.06 16.02
C SER C 119 11.60 26.43 17.22
N GLN C 120 10.27 26.32 17.14
CA GLN C 120 9.47 25.76 18.25
C GLN C 120 9.63 24.26 18.41
N ILE C 121 9.68 23.54 17.29
CA ILE C 121 9.97 22.10 17.29
C ILE C 121 11.37 21.87 17.85
N CYS C 122 12.31 22.75 17.51
CA CYS C 122 13.66 22.67 18.02
C CYS C 122 13.66 22.78 19.55
N LYS C 123 12.93 23.76 20.09
CA LYS C 123 12.81 23.98 21.53
C LYS C 123 12.15 22.81 22.23
N GLY C 124 11.13 22.23 21.62
CA GLY C 124 10.47 21.04 22.15
C GLY C 124 11.46 19.90 22.30
N MET C 125 12.26 19.72 21.24
CA MET C 125 13.31 18.70 21.26
C MET C 125 14.45 18.99 22.25
N GLU C 126 14.79 20.28 22.44
N GLU C 126 14.79 20.26 22.46
CA GLU C 126 15.77 20.69 23.45
CA GLU C 126 15.80 20.63 23.46
C GLU C 126 15.31 20.27 24.84
C GLU C 126 15.31 20.28 24.86
N TYR C 127 14.04 20.52 25.11
CA TYR C 127 13.41 20.11 26.36
C TYR C 127 13.43 18.58 26.52
N LEU C 128 12.99 17.85 25.50
CA LEU C 128 12.99 16.38 25.56
C LEU C 128 14.37 15.86 25.92
N GLY C 129 15.38 16.42 25.27
CA GLY C 129 16.78 16.14 25.56
C GLY C 129 17.16 16.41 27.01
N SER C 130 16.65 17.49 27.58
CA SER C 130 16.88 17.80 29.00
C SER C 130 16.25 16.75 29.93
N ARG C 131 15.16 16.13 29.47
CA ARG C 131 14.56 14.96 30.15
C ARG C 131 15.12 13.60 29.68
N ARG C 132 16.25 13.62 28.98
N ARG C 132 16.25 13.62 28.99
CA ARG C 132 16.92 12.40 28.52
CA ARG C 132 16.92 12.42 28.49
C ARG C 132 15.98 11.44 27.78
C ARG C 132 15.98 11.45 27.79
N CYS C 133 15.08 12.01 26.98
CA CYS C 133 14.05 11.28 26.28
C CYS C 133 14.32 11.36 24.78
N VAL C 134 14.41 10.20 24.14
CA VAL C 134 14.57 10.13 22.69
C VAL C 134 13.20 9.83 22.10
N HIS C 135 12.77 10.67 21.16
CA HIS C 135 11.43 10.60 20.56
C HIS C 135 11.27 9.40 19.62
N ARG C 136 12.27 9.23 18.75
CA ARG C 136 12.33 8.11 17.78
C ARG C 136 11.41 8.26 16.54
N ASP C 137 10.33 9.04 16.64
CA ASP C 137 9.36 9.18 15.55
C ASP C 137 9.04 10.64 15.24
N LEU C 138 10.07 11.48 15.18
CA LEU C 138 9.89 12.92 14.91
C LEU C 138 9.66 13.10 13.42
N ALA C 139 8.56 13.76 13.08
CA ALA C 139 8.11 13.90 11.71
C ALA C 139 6.94 14.88 11.64
N ALA C 140 6.74 15.51 10.49
CA ALA C 140 5.65 16.47 10.32
C ALA C 140 4.24 15.91 10.66
N ARG C 141 4.03 14.62 10.40
N ARG C 141 4.03 14.62 10.40
CA ARG C 141 2.76 13.94 10.75
CA ARG C 141 2.75 13.95 10.75
C ARG C 141 2.50 13.83 12.27
C ARG C 141 2.50 13.84 12.27
N ASN C 142 3.59 13.90 13.05
CA ASN C 142 3.51 13.83 14.51
C ASN C 142 3.65 15.19 15.22
N ILE C 143 3.72 16.28 14.45
CA ILE C 143 3.67 17.64 14.96
C ILE C 143 2.26 18.18 14.79
N LEU C 144 1.69 18.72 15.87
CA LEU C 144 0.32 19.22 15.88
C LEU C 144 0.29 20.74 15.93
N VAL C 145 -0.78 21.31 15.39
CA VAL C 145 -0.95 22.76 15.31
C VAL C 145 -1.86 23.23 16.42
N GLU C 146 -1.31 24.00 17.37
CA GLU C 146 -2.11 24.72 18.37
C GLU C 146 -2.77 25.93 17.73
N SER C 147 -1.96 26.73 17.04
CA SER C 147 -2.47 27.88 16.25
C SER C 147 -1.53 28.13 15.08
N GLU C 148 -1.90 29.06 14.21
CA GLU C 148 -1.08 29.43 13.05
C GLU C 148 0.36 29.80 13.41
N ALA C 149 0.58 30.28 14.62
CA ALA C 149 1.91 30.61 15.14
C ALA C 149 2.36 29.74 16.32
N HIS C 150 1.88 28.50 16.40
CA HIS C 150 2.25 27.62 17.53
C HIS C 150 2.01 26.16 17.22
N VAL C 151 3.11 25.39 17.22
CA VAL C 151 3.10 23.93 17.06
C VAL C 151 3.64 23.18 18.28
N LYS C 152 3.20 21.93 18.40
CA LYS C 152 3.54 21.05 19.51
C LYS C 152 3.92 19.66 19.00
N ILE C 153 4.92 19.05 19.65
CA ILE C 153 5.34 17.68 19.33
C ILE C 153 4.39 16.68 19.96
N ALA C 154 3.93 15.72 19.16
CA ALA C 154 3.06 14.64 19.63
C ALA C 154 3.63 13.24 19.33
N ASP C 155 2.86 12.20 19.69
CA ASP C 155 3.17 10.80 19.42
C ASP C 155 4.46 10.28 20.05
N PHE C 156 4.36 9.95 21.32
CA PHE C 156 5.48 9.40 22.10
C PHE C 156 5.41 7.86 22.19
N GLY C 157 4.78 7.23 21.18
CA GLY C 157 4.59 5.79 21.16
C GLY C 157 5.84 4.98 21.03
N LEU C 158 6.88 5.57 20.43
CA LEU C 158 8.18 4.94 20.28
C LEU C 158 9.24 5.59 21.18
N ALA C 159 8.85 6.58 22.00
CA ALA C 159 9.80 7.32 22.83
C ALA C 159 10.42 6.45 23.92
N LYS C 160 11.71 6.68 24.18
CA LYS C 160 12.49 5.91 25.17
C LYS C 160 13.29 6.88 26.01
N LEU C 161 13.45 6.54 27.28
CA LEU C 161 14.33 7.27 28.17
C LEU C 161 15.72 6.62 28.10
N LEU C 162 16.74 7.47 27.96
CA LEU C 162 18.12 7.04 27.95
C LEU C 162 18.45 6.39 29.29
N PRO C 163 19.27 5.33 29.28
CA PRO C 163 19.73 4.85 30.58
C PRO C 163 20.39 6.01 31.35
N LEU C 164 20.27 6.01 32.67
CA LEU C 164 20.85 7.08 33.49
C LEU C 164 22.38 7.29 33.28
N ASP C 165 23.09 6.25 32.84
CA ASP C 165 24.54 6.28 32.66
C ASP C 165 25.03 6.28 31.19
N LYS C 166 24.12 6.42 30.23
CA LYS C 166 24.46 6.28 28.79
C LYS C 166 23.69 7.30 27.95
N ASP C 167 24.29 7.81 26.88
CA ASP C 167 23.60 8.77 25.97
C ASP C 167 23.05 8.12 24.68
N PTR C 168 22.94 6.78 24.68
CA PTR C 168 22.32 6.07 23.57
C PTR C 168 21.55 4.84 24.03
O PTR C 168 21.74 4.36 25.16
CB PTR C 168 23.35 5.64 22.53
CG PTR C 168 24.30 4.55 22.98
CD1 PTR C 168 24.18 3.25 22.49
CD2 PTR C 168 25.30 4.82 23.92
CE1 PTR C 168 25.06 2.26 22.89
CE2 PTR C 168 26.18 3.81 24.34
CZ PTR C 168 26.05 2.54 23.82
OH PTR C 168 26.83 1.65 24.17
P PTR C 168 26.41 0.62 25.31
O1P PTR C 168 25.81 1.40 26.50
O2P PTR C 168 25.38 -0.30 24.78
O3P PTR C 168 27.67 -0.14 25.76
N PTR C 169 20.70 4.32 23.15
CA PTR C 169 19.85 3.18 23.45
C PTR C 169 19.76 2.27 22.23
O PTR C 169 19.45 2.75 21.13
CB PTR C 169 18.47 3.74 23.82
CG PTR C 169 17.56 2.80 24.60
CD1 PTR C 169 16.21 2.71 24.28
CD2 PTR C 169 18.05 2.01 25.65
CE1 PTR C 169 15.35 1.86 24.99
CE2 PTR C 169 17.20 1.15 26.36
CZ PTR C 169 15.85 1.08 26.02
OH PTR C 169 15.09 0.34 26.65
P PTR C 169 14.54 -1.05 26.04
O1P PTR C 169 13.62 -0.78 24.84
O2P PTR C 169 15.70 -1.87 25.62
O3P PTR C 169 13.75 -1.80 27.13
N VAL C 170 20.02 0.98 22.43
CA VAL C 170 19.87 -0.03 21.38
C VAL C 170 18.50 -0.69 21.52
N VAL C 171 17.62 -0.43 20.55
CA VAL C 171 16.24 -0.90 20.61
C VAL C 171 16.13 -2.43 20.50
N ARG C 172 16.32 -2.97 19.28
CA ARG C 172 16.16 -4.41 19.00
C ARG C 172 14.75 -4.95 19.29
N SER C 177 10.48 1.34 12.02
CA SER C 177 9.45 1.26 10.98
C SER C 177 9.44 2.46 10.00
N PRO C 178 9.34 3.71 10.49
CA PRO C 178 9.35 4.87 9.58
C PRO C 178 10.77 5.19 9.08
N ILE C 179 11.21 4.42 8.08
CA ILE C 179 12.65 4.33 7.75
C ILE C 179 13.28 5.62 7.19
N PHE C 180 12.47 6.44 6.51
CA PHE C 180 12.95 7.66 5.84
C PHE C 180 13.23 8.83 6.80
N TRP C 181 12.81 8.71 8.05
CA TRP C 181 13.17 9.68 9.10
C TRP C 181 14.35 9.22 10.00
N TYR C 182 14.87 8.01 9.77
CA TYR C 182 15.87 7.41 10.65
C TYR C 182 17.30 7.74 10.24
N ALA C 183 18.16 7.90 11.25
CA ALA C 183 19.60 8.04 11.05
C ALA C 183 20.18 6.71 10.57
N PRO C 184 21.36 6.71 9.90
CA PRO C 184 21.91 5.44 9.40
C PRO C 184 22.30 4.46 10.52
N GLU C 185 22.87 4.98 11.61
CA GLU C 185 23.21 4.17 12.79
C GLU C 185 21.98 3.48 13.41
N SER C 186 20.81 4.11 13.26
CA SER C 186 19.55 3.47 13.62
C SER C 186 19.17 2.40 12.61
N LEU C 187 19.32 2.70 11.31
CA LEU C 187 19.06 1.72 10.25
C LEU C 187 19.93 0.45 10.35
N SER C 188 21.21 0.62 10.68
CA SER C 188 22.18 -0.49 10.67
C SER C 188 22.27 -1.25 11.99
N ASP C 189 22.36 -0.52 13.11
CA ASP C 189 22.64 -1.11 14.44
C ASP C 189 21.53 -0.86 15.49
N ASN C 190 20.36 -0.40 15.05
CA ASN C 190 19.24 -0.08 15.95
C ASN C 190 19.60 0.88 17.10
N ILE C 191 20.57 1.77 16.84
CA ILE C 191 21.07 2.73 17.82
C ILE C 191 20.24 4.01 17.75
N PHE C 192 19.78 4.47 18.91
CA PHE C 192 19.01 5.71 19.01
C PHE C 192 19.56 6.58 20.12
N SER C 193 19.47 7.89 19.91
CA SER C 193 20.08 8.87 20.81
C SER C 193 19.44 10.22 20.58
N ARG C 194 19.89 11.27 21.27
CA ARG C 194 19.43 12.63 20.96
C ARG C 194 19.90 13.10 19.58
N GLN C 195 21.09 12.68 19.17
N GLN C 195 21.10 12.67 19.20
CA GLN C 195 21.62 13.03 17.85
CA GLN C 195 21.70 12.94 17.89
C GLN C 195 21.03 12.16 16.71
C GLN C 195 20.97 12.22 16.75
N SER C 196 20.32 11.10 17.07
CA SER C 196 19.44 10.39 16.13
C SER C 196 18.18 11.24 15.88
N ASP C 197 17.66 11.85 16.95
CA ASP C 197 16.53 12.79 16.82
C ASP C 197 16.89 14.04 16.01
N VAL C 198 18.14 14.46 16.09
CA VAL C 198 18.64 15.61 15.32
C VAL C 198 18.55 15.31 13.82
N TRP C 199 18.94 14.08 13.45
CA TRP C 199 18.83 13.60 12.06
C TRP C 199 17.40 13.75 11.58
N SER C 200 16.46 13.24 12.36
CA SER C 200 15.03 13.30 12.02
C SER C 200 14.52 14.73 11.90
N PHE C 201 15.02 15.62 12.78
CA PHE C 201 14.69 17.04 12.71
C PHE C 201 15.17 17.68 11.39
N GLY C 202 16.26 17.16 10.85
CA GLY C 202 16.76 17.56 9.52
C GLY C 202 15.75 17.25 8.43
N VAL C 203 15.23 16.03 8.46
CA VAL C 203 14.14 15.61 7.56
C VAL C 203 12.89 16.46 7.82
N VAL C 204 12.60 16.77 9.09
CA VAL C 204 11.47 17.66 9.42
C VAL C 204 11.65 19.08 8.85
N LEU C 205 12.88 19.59 8.88
CA LEU C 205 13.20 20.84 8.20
C LEU C 205 12.89 20.74 6.70
N TYR C 206 13.28 19.61 6.10
CA TYR C 206 12.99 19.31 4.71
C TYR C 206 11.47 19.30 4.46
N GLU C 207 10.73 18.61 5.32
CA GLU C 207 9.26 18.57 5.21
C GLU C 207 8.64 19.98 5.25
N LEU C 208 9.08 20.79 6.22
CA LEU C 208 8.59 22.16 6.38
C LEU C 208 8.82 22.97 5.12
N PHE C 209 10.04 22.94 4.63
CA PHE C 209 10.43 23.76 3.47
C PHE C 209 10.09 23.18 2.11
N THR C 210 9.43 22.02 2.08
CA THR C 210 8.69 21.52 0.90
C THR C 210 7.16 21.68 1.05
N TYR C 211 6.72 22.25 2.18
CA TYR C 211 5.30 22.36 2.55
C TYR C 211 4.59 20.99 2.53
N CYS C 212 5.32 19.95 2.91
CA CYS C 212 4.89 18.55 2.82
C CYS C 212 4.24 18.18 1.47
N ASP C 213 4.78 18.71 0.38
CA ASP C 213 4.31 18.35 -0.97
C ASP C 213 4.56 16.85 -1.20
N LYS C 214 3.53 16.14 -1.64
CA LYS C 214 3.59 14.68 -1.79
C LYS C 214 4.57 14.22 -2.88
N SER C 215 4.66 15.02 -3.95
CA SER C 215 5.56 14.71 -5.07
C SER C 215 7.06 14.79 -4.75
N CYS C 216 7.42 15.45 -3.66
CA CYS C 216 8.80 15.53 -3.21
C CYS C 216 8.93 15.26 -1.70
N SER C 217 8.09 14.35 -1.19
CA SER C 217 8.19 13.89 0.19
C SER C 217 9.46 13.05 0.37
N PRO C 218 9.91 12.88 1.63
CA PRO C 218 11.05 12.02 1.92
C PRO C 218 10.90 10.62 1.32
N SER C 219 9.77 9.97 1.56
CA SER C 219 9.51 8.64 1.01
C SER C 219 9.46 8.66 -0.52
N ALA C 220 8.77 9.64 -1.10
CA ALA C 220 8.75 9.77 -2.57
C ALA C 220 10.13 10.08 -3.15
N GLU C 221 10.95 10.85 -2.43
CA GLU C 221 12.31 11.16 -2.87
C GLU C 221 13.25 9.97 -2.74
N PHE C 222 13.31 9.39 -1.55
CA PHE C 222 14.18 8.23 -1.29
C PHE C 222 13.75 7.03 -2.15
N LEU C 223 12.45 6.76 -2.26
CA LEU C 223 11.98 5.64 -3.12
C LEU C 223 12.40 5.81 -4.60
N ARG C 224 12.47 7.06 -5.07
CA ARG C 224 13.03 7.39 -6.41
C ARG C 224 14.54 7.07 -6.47
N MET C 225 15.28 7.50 -5.45
N MET C 225 15.28 7.49 -5.45
CA MET C 225 16.73 7.25 -5.38
CA MET C 225 16.72 7.25 -5.37
C MET C 225 17.07 5.77 -5.21
C MET C 225 17.07 5.77 -5.21
N MET C 226 16.30 5.07 -4.36
CA MET C 226 16.47 3.62 -4.11
C MET C 226 16.21 2.79 -5.37
N GLY C 227 15.00 2.96 -5.90
CA GLY C 227 14.50 2.13 -6.98
C GLY C 227 13.83 0.89 -6.43
N SER C 228 12.99 0.28 -7.26
CA SER C 228 12.26 -0.94 -6.93
C SER C 228 12.76 -2.16 -7.72
N GLU C 229 13.75 -1.95 -8.59
CA GLU C 229 14.28 -2.98 -9.48
C GLU C 229 15.17 -4.04 -8.80
N ARG C 230 15.51 -3.79 -7.54
CA ARG C 230 16.53 -4.54 -6.77
C ARG C 230 16.12 -5.93 -6.25
N ASP C 231 14.94 -6.03 -5.63
CA ASP C 231 14.47 -7.26 -4.93
C ASP C 231 15.27 -7.59 -3.66
N VAL C 232 15.58 -6.55 -2.88
CA VAL C 232 16.12 -6.68 -1.53
C VAL C 232 15.31 -5.74 -0.63
N PRO C 233 15.36 -5.91 0.71
CA PRO C 233 14.47 -5.08 1.54
C PRO C 233 14.80 -3.59 1.46
N ALA C 234 13.79 -2.75 1.69
CA ALA C 234 13.90 -1.29 1.53
C ALA C 234 14.92 -0.68 2.49
N LEU C 235 14.92 -1.16 3.74
CA LEU C 235 15.88 -0.74 4.78
C LEU C 235 17.34 -0.87 4.35
N SER C 236 17.67 -1.96 3.67
CA SER C 236 19.04 -2.20 3.21
C SER C 236 19.46 -1.26 2.08
N ARG C 237 18.56 -1.05 1.11
CA ARG C 237 18.84 -0.20 -0.04
C ARG C 237 18.89 1.29 0.33
N LEU C 238 18.07 1.69 1.30
CA LEU C 238 18.12 3.05 1.87
C LEU C 238 19.41 3.27 2.66
N LEU C 239 19.71 2.35 3.56
CA LEU C 239 20.93 2.42 4.38
C LEU C 239 22.17 2.54 3.50
N GLU C 240 22.15 1.83 2.38
CA GLU C 240 23.21 1.88 1.37
C GLU C 240 23.35 3.29 0.77
N LEU C 241 22.23 3.89 0.37
CA LEU C 241 22.23 5.25 -0.19
C LEU C 241 22.80 6.31 0.75
N LEU C 242 22.45 6.20 2.04
CA LEU C 242 22.94 7.14 3.06
C LEU C 242 24.43 6.95 3.40
N GLU C 243 24.91 5.70 3.33
CA GLU C 243 26.35 5.41 3.47
C GLU C 243 27.14 5.96 2.27
N GLU C 244 26.55 5.88 1.07
CA GLU C 244 27.11 6.51 -0.14
C GLU C 244 27.18 8.05 -0.08
N GLY C 245 26.60 8.64 0.97
CA GLY C 245 26.64 10.08 1.19
C GLY C 245 25.50 10.80 0.50
N GLN C 246 24.58 10.06 -0.12
CA GLN C 246 23.42 10.68 -0.76
C GLN C 246 22.43 11.16 0.29
N ARG C 247 21.81 12.31 0.01
CA ARG C 247 20.86 12.94 0.90
C ARG C 247 19.65 13.42 0.12
N LEU C 248 18.61 13.87 0.82
CA LEU C 248 17.48 14.56 0.16
C LEU C 248 18.01 15.85 -0.47
N PRO C 249 17.51 16.22 -1.67
CA PRO C 249 18.01 17.41 -2.35
C PRO C 249 17.44 18.67 -1.72
N ALA C 250 17.88 19.85 -2.18
CA ALA C 250 17.34 21.12 -1.70
C ALA C 250 15.87 21.25 -2.11
N PRO C 251 14.98 21.61 -1.15
CA PRO C 251 13.62 21.93 -1.56
C PRO C 251 13.58 23.14 -2.50
N PRO C 252 12.67 23.14 -3.49
CA PRO C 252 12.45 24.29 -4.35
C PRO C 252 12.41 25.61 -3.57
N ALA C 253 13.16 26.61 -4.04
CA ALA C 253 13.21 27.93 -3.43
C ALA C 253 13.55 27.94 -1.93
N CYS C 254 14.36 26.97 -1.47
CA CYS C 254 14.72 26.87 -0.05
C CYS C 254 15.90 27.78 0.26
N PRO C 255 15.79 28.63 1.30
CA PRO C 255 16.89 29.52 1.67
C PRO C 255 18.19 28.75 1.95
N ALA C 256 19.28 29.18 1.31
CA ALA C 256 20.59 28.51 1.42
C ALA C 256 20.95 28.12 2.87
N GLU C 257 20.86 29.08 3.79
CA GLU C 257 21.22 28.84 5.20
C GLU C 257 20.42 27.70 5.84
N VAL C 258 19.17 27.53 5.44
CA VAL C 258 18.32 26.44 5.95
C VAL C 258 18.72 25.08 5.38
N HIS C 259 19.08 25.03 4.09
CA HIS C 259 19.58 23.78 3.49
C HIS C 259 20.92 23.36 4.12
N GLU C 260 21.79 24.32 4.38
CA GLU C 260 23.04 24.06 5.09
C GLU C 260 22.81 23.45 6.47
N LEU C 261 21.83 23.96 7.23
CA LEU C 261 21.49 23.39 8.55
C LEU C 261 20.91 21.98 8.47
N MET C 262 20.14 21.68 7.43
CA MET C 262 19.69 20.30 7.17
C MET C 262 20.88 19.35 6.97
N LYS C 263 21.83 19.74 6.12
CA LYS C 263 23.02 18.92 5.84
C LYS C 263 23.89 18.67 7.08
N LEU C 264 23.91 19.62 8.01
CA LEU C 264 24.55 19.44 9.31
C LEU C 264 23.79 18.43 10.18
N CYS C 265 22.47 18.45 10.09
CA CYS C 265 21.64 17.47 10.78
C CYS C 265 21.80 16.06 10.24
N TRP C 266 22.27 15.92 9.01
CA TRP C 266 22.50 14.62 8.40
C TRP C 266 23.99 14.24 8.30
N ALA C 267 24.80 14.70 9.26
CA ALA C 267 26.22 14.31 9.31
C ALA C 267 26.27 12.82 9.60
N PRO C 268 27.05 12.03 8.82
CA PRO C 268 27.03 10.57 9.00
C PRO C 268 27.32 10.11 10.43
N SER C 269 28.24 10.80 11.09
CA SER C 269 28.65 10.49 12.46
C SER C 269 27.78 11.30 13.43
N PRO C 270 27.10 10.64 14.40
CA PRO C 270 26.24 11.30 15.40
C PRO C 270 26.88 12.47 16.13
N GLN C 271 28.16 12.35 16.44
CA GLN C 271 28.88 13.37 17.21
C GLN C 271 29.21 14.64 16.42
N ASP C 272 29.09 14.59 15.09
CA ASP C 272 29.30 15.75 14.21
C ASP C 272 28.04 16.56 13.93
N ARG C 273 26.87 16.00 14.24
CA ARG C 273 25.61 16.73 14.10
C ARG C 273 25.51 17.78 15.19
N PRO C 274 24.83 18.92 14.92
CA PRO C 274 24.65 19.88 15.99
C PRO C 274 23.62 19.41 17.01
N SER C 275 23.75 19.89 18.24
CA SER C 275 22.74 19.64 19.25
C SER C 275 21.53 20.52 18.99
N PHE C 276 20.40 20.19 19.61
CA PHE C 276 19.23 21.06 19.54
C PHE C 276 19.49 22.45 20.16
N SER C 277 20.35 22.51 21.18
CA SER C 277 20.71 23.78 21.83
C SER C 277 21.56 24.67 20.92
N ALA C 278 22.40 24.08 20.08
CA ALA C 278 23.16 24.83 19.06
C ALA C 278 22.28 25.27 17.86
N LEU C 279 21.37 24.39 17.42
CA LEU C 279 20.44 24.67 16.32
C LEU C 279 19.45 25.83 16.60
N GLY C 280 18.91 25.89 17.82
CA GLY C 280 17.85 26.83 18.21
C GLY C 280 18.12 28.28 17.88
N PRO C 281 19.23 28.82 18.38
CA PRO C 281 19.68 30.14 18.03
C PRO C 281 20.03 30.34 16.55
N GLN C 282 20.53 29.30 15.88
CA GLN C 282 20.87 29.42 14.46
C GLN C 282 19.62 29.53 13.59
N LEU C 283 18.55 28.86 13.99
CA LEU C 283 17.26 29.05 13.36
C LEU C 283 16.69 30.45 13.69
N ASP C 284 16.67 30.80 14.97
CA ASP C 284 16.13 32.09 15.44
C ASP C 284 16.78 33.33 14.85
N MET C 285 18.10 33.26 14.65
CA MET C 285 18.89 34.39 14.19
C MET C 285 19.10 34.42 12.67
N LEU C 286 18.53 33.46 11.95
CA LEU C 286 18.43 33.56 10.50
C LEU C 286 17.53 34.74 10.18
N TRP C 287 18.06 35.67 9.39
CA TRP C 287 17.33 36.85 8.90
C TRP C 287 17.01 37.81 10.05
N SER C 288 18.00 38.62 10.42
CA SER C 288 17.85 39.60 11.50
C SER C 288 18.95 40.66 11.41
N PRO D 2 30.31 -27.01 25.52
CA PRO D 2 30.40 -25.65 26.09
C PRO D 2 29.44 -25.40 27.27
N THR D 3 28.17 -25.78 27.10
CA THR D 3 27.14 -25.69 28.16
C THR D 3 27.23 -26.86 29.18
N ILE D 4 27.97 -27.92 28.84
CA ILE D 4 28.17 -29.06 29.75
C ILE D 4 29.57 -29.01 30.39
N PHE D 5 29.58 -28.77 31.70
CA PHE D 5 30.79 -28.74 32.53
C PHE D 5 31.04 -30.09 33.21
N GLU D 6 32.29 -30.54 33.21
CA GLU D 6 32.67 -31.82 33.81
C GLU D 6 33.00 -31.64 35.29
N GLU D 7 32.31 -32.37 36.17
CA GLU D 7 32.46 -32.27 37.63
C GLU D 7 33.91 -32.24 38.10
N ARG D 8 34.73 -33.16 37.59
CA ARG D 8 36.11 -33.32 38.08
C ARG D 8 37.03 -32.11 37.82
N HIS D 9 36.67 -31.28 36.83
CA HIS D 9 37.43 -30.07 36.52
C HIS D 9 36.98 -28.82 37.30
N LEU D 10 35.84 -28.88 37.97
CA LEU D 10 35.40 -27.84 38.88
C LEU D 10 36.21 -27.86 40.17
N LYS D 11 36.96 -26.79 40.42
CA LYS D 11 37.84 -26.67 41.57
C LYS D 11 37.16 -25.75 42.59
N TYR D 12 36.87 -26.29 43.77
CA TYR D 12 36.15 -25.56 44.80
C TYR D 12 37.05 -24.52 45.45
N ILE D 13 36.63 -23.25 45.45
CA ILE D 13 37.38 -22.19 46.14
C ILE D 13 36.75 -21.86 47.49
N SER D 14 35.54 -21.30 47.47
CA SER D 14 34.87 -20.84 48.70
C SER D 14 33.37 -20.75 48.49
N GLN D 15 32.63 -20.63 49.58
CA GLN D 15 31.20 -20.39 49.52
C GLN D 15 30.92 -18.90 49.43
N LEU D 16 30.16 -18.51 48.40
CA LEU D 16 29.76 -17.13 48.19
C LEU D 16 28.48 -16.84 48.94
N GLY D 17 27.50 -17.72 48.77
CA GLY D 17 26.19 -17.55 49.41
C GLY D 17 25.51 -18.85 49.74
N LYS D 18 24.64 -18.77 50.71
CA LYS D 18 23.92 -19.91 51.26
C LYS D 18 22.44 -19.64 51.08
N GLY D 19 21.71 -20.67 50.69
CA GLY D 19 20.25 -20.64 50.63
C GLY D 19 19.69 -21.59 51.66
N ASN D 20 18.36 -21.59 51.78
CA ASN D 20 17.66 -22.54 52.64
C ASN D 20 17.87 -23.98 52.19
N PHE D 21 17.87 -24.19 50.87
CA PHE D 21 18.04 -25.51 50.27
C PHE D 21 19.12 -25.47 49.20
N GLY D 22 20.24 -24.84 49.50
CA GLY D 22 21.32 -24.69 48.51
C GLY D 22 22.43 -23.77 48.91
N SER D 23 23.48 -23.76 48.08
CA SER D 23 24.57 -22.81 48.24
C SER D 23 25.18 -22.49 46.87
N VAL D 24 25.67 -21.26 46.74
CA VAL D 24 26.40 -20.85 45.57
C VAL D 24 27.87 -20.76 45.97
N GLU D 25 28.69 -21.50 45.24
CA GLU D 25 30.08 -21.72 45.59
C GLU D 25 30.91 -21.07 44.50
N LEU D 26 32.04 -20.48 44.87
CA LEU D 26 33.01 -19.97 43.93
C LEU D 26 33.89 -21.12 43.48
N CYS D 27 33.93 -21.36 42.17
CA CYS D 27 34.69 -22.46 41.61
C CYS D 27 35.54 -21.97 40.45
N ARG D 28 36.62 -22.69 40.17
CA ARG D 28 37.40 -22.48 38.95
C ARG D 28 37.21 -23.71 38.09
N TYR D 29 36.69 -23.53 36.89
CA TYR D 29 36.57 -24.63 35.94
C TYR D 29 37.90 -24.74 35.23
N ASP D 30 38.67 -25.77 35.58
CA ASP D 30 40.08 -25.86 35.20
C ASP D 30 40.38 -27.17 34.44
N PRO D 31 39.89 -27.29 33.19
CA PRO D 31 40.07 -28.54 32.44
C PRO D 31 41.50 -28.88 32.07
N LEU D 32 42.35 -27.87 31.89
CA LEU D 32 43.80 -28.11 31.63
C LEU D 32 44.58 -28.47 32.90
N GLY D 33 44.12 -28.00 34.07
CA GLY D 33 44.75 -28.31 35.36
C GLY D 33 45.88 -27.38 35.78
N ASP D 34 46.12 -26.33 34.99
CA ASP D 34 47.20 -25.38 35.23
C ASP D 34 46.72 -24.04 35.84
N ASN D 35 45.53 -24.06 36.44
CA ASN D 35 44.88 -22.88 37.05
C ASN D 35 44.67 -21.63 36.17
N THR D 36 44.56 -21.83 34.86
CA THR D 36 44.24 -20.74 33.91
C THR D 36 42.74 -20.57 33.65
N GLY D 37 41.93 -21.53 34.12
CA GLY D 37 40.50 -21.55 33.85
C GLY D 37 39.74 -20.42 34.52
N ALA D 38 38.56 -20.10 33.99
CA ALA D 38 37.74 -19.00 34.49
C ALA D 38 37.12 -19.35 35.83
N LEU D 39 36.93 -18.32 36.65
CA LEU D 39 36.14 -18.45 37.87
C LEU D 39 34.67 -18.34 37.51
N VAL D 40 33.88 -19.24 38.13
CA VAL D 40 32.43 -19.33 37.90
C VAL D 40 31.71 -19.57 39.23
N ALA D 41 30.45 -19.13 39.31
CA ALA D 41 29.61 -19.35 40.48
C ALA D 41 28.75 -20.58 40.22
N VAL D 42 28.72 -21.51 41.17
CA VAL D 42 28.04 -22.81 40.98
C VAL D 42 27.02 -23.10 42.09
N LYS D 43 25.76 -23.28 41.72
CA LYS D 43 24.73 -23.66 42.70
C LYS D 43 24.63 -25.18 42.81
N GLN D 44 24.61 -25.66 44.05
CA GLN D 44 24.25 -27.05 44.34
C GLN D 44 23.23 -27.10 45.45
N LEU D 45 22.46 -28.18 45.44
CA LEU D 45 21.45 -28.40 46.47
C LEU D 45 22.08 -28.85 47.79
N GLN D 46 21.56 -28.31 48.89
CA GLN D 46 21.86 -28.75 50.25
C GLN D 46 20.51 -29.02 50.96
N HIS D 47 20.48 -30.00 51.86
CA HIS D 47 19.27 -30.36 52.64
C HIS D 47 18.04 -30.69 51.77
N SER D 48 18.30 -31.20 50.57
CA SER D 48 17.27 -31.32 49.54
C SER D 48 16.60 -32.68 49.53
N GLY D 49 15.27 -32.66 49.54
CA GLY D 49 14.46 -33.84 49.20
C GLY D 49 14.07 -33.72 47.73
N PRO D 50 13.29 -34.71 47.23
CA PRO D 50 12.76 -34.69 45.86
C PRO D 50 12.14 -33.37 45.43
N ASP D 51 11.35 -32.75 46.29
CA ASP D 51 10.61 -31.51 45.95
C ASP D 51 11.53 -30.38 45.55
N GLN D 52 12.62 -30.24 46.29
CA GLN D 52 13.61 -29.21 46.01
C GLN D 52 14.44 -29.57 44.77
N GLN D 53 14.69 -30.87 44.55
CA GLN D 53 15.40 -31.32 43.36
C GLN D 53 14.62 -31.01 42.07
N ARG D 54 13.31 -31.16 42.11
CA ARG D 54 12.47 -30.84 40.96
C ARG D 54 12.37 -29.33 40.75
N ASP D 55 12.26 -28.57 41.83
CA ASP D 55 12.31 -27.09 41.76
C ASP D 55 13.62 -26.56 41.18
N PHE D 56 14.70 -27.27 41.45
CA PHE D 56 16.02 -26.89 40.95
C PHE D 56 16.13 -27.16 39.45
N GLN D 57 15.53 -28.28 38.99
CA GLN D 57 15.47 -28.54 37.57
C GLN D 57 14.68 -27.45 36.84
N ARG D 58 13.59 -26.99 37.45
CA ARG D 58 12.82 -25.88 36.87
C ARG D 58 13.62 -24.59 36.86
N GLU D 59 14.31 -24.30 37.96
CA GLU D 59 15.16 -23.10 38.07
C GLU D 59 16.22 -23.02 36.99
N ILE D 60 16.86 -24.15 36.71
CA ILE D 60 17.91 -24.20 35.71
C ILE D 60 17.35 -23.84 34.33
N GLN D 61 16.19 -24.42 33.99
CA GLN D 61 15.53 -24.12 32.72
C GLN D 61 15.04 -22.68 32.59
N ILE D 62 14.56 -22.10 33.68
CA ILE D 62 14.11 -20.70 33.68
C ILE D 62 15.31 -19.78 33.41
N LEU D 63 16.33 -19.86 34.26
CA LEU D 63 17.52 -19.01 34.12
C LEU D 63 18.21 -19.15 32.75
N LYS D 64 18.32 -20.38 32.27
CA LYS D 64 18.83 -20.67 30.91
C LYS D 64 18.03 -19.96 29.80
N ALA D 65 16.74 -19.78 30.00
CA ALA D 65 15.90 -19.19 28.96
C ALA D 65 15.74 -17.65 29.09
N LEU D 66 16.35 -17.05 30.11
CA LEU D 66 16.29 -15.60 30.35
C LEU D 66 17.54 -14.88 29.78
N HIS D 67 17.33 -13.94 28.88
CA HIS D 67 18.40 -13.22 28.22
C HIS D 67 18.22 -11.73 28.46
N SER D 68 18.86 -11.23 29.51
CA SER D 68 18.80 -9.82 29.85
C SER D 68 20.13 -9.36 30.40
N ASP D 69 20.49 -8.12 30.11
CA ASP D 69 21.65 -7.48 30.75
C ASP D 69 21.46 -7.30 32.26
N PHE D 70 20.22 -7.30 32.74
CA PHE D 70 19.94 -7.11 34.17
C PHE D 70 19.55 -8.41 34.88
N ILE D 71 19.92 -9.54 34.30
CA ILE D 71 19.69 -10.86 34.89
C ILE D 71 20.96 -11.70 34.73
N VAL D 72 21.42 -12.27 35.84
CA VAL D 72 22.63 -13.08 35.89
C VAL D 72 22.63 -14.12 34.79
N LYS D 73 23.78 -14.29 34.14
CA LYS D 73 23.93 -15.20 33.01
C LYS D 73 24.08 -16.65 33.44
N TYR D 74 23.26 -17.50 32.82
CA TYR D 74 23.48 -18.95 32.80
C TYR D 74 24.69 -19.31 31.92
N ARG D 75 25.60 -20.14 32.45
N ARG D 75 25.60 -20.14 32.44
CA ARG D 75 26.74 -20.67 31.69
CA ARG D 75 26.73 -20.68 31.68
C ARG D 75 26.47 -22.11 31.25
C ARG D 75 26.47 -22.11 31.25
N GLY D 76 26.11 -22.95 32.22
CA GLY D 76 25.81 -24.35 31.93
C GLY D 76 25.34 -25.13 33.13
N VAL D 77 25.46 -26.45 33.03
CA VAL D 77 25.23 -27.34 34.17
C VAL D 77 26.37 -28.35 34.27
N SER D 78 26.58 -28.88 35.47
CA SER D 78 27.52 -29.96 35.70
C SER D 78 26.81 -31.15 36.36
N TYR D 79 27.14 -32.36 35.90
CA TYR D 79 26.47 -33.60 36.32
C TYR D 79 27.37 -34.41 37.23
N SER D 85 26.11 -35.08 41.47
CA SER D 85 24.75 -34.74 41.04
C SER D 85 24.68 -33.29 40.52
N LEU D 86 23.48 -32.90 40.05
CA LEU D 86 23.27 -31.70 39.23
C LEU D 86 23.76 -30.39 39.86
N ARG D 87 24.53 -29.61 39.10
CA ARG D 87 25.02 -28.31 39.52
C ARG D 87 24.75 -27.26 38.44
N LEU D 88 24.41 -26.05 38.85
CA LEU D 88 24.08 -24.95 37.92
C LEU D 88 25.27 -24.02 37.87
N VAL D 89 25.86 -23.85 36.68
CA VAL D 89 27.02 -22.95 36.50
C VAL D 89 26.54 -21.60 35.97
N MET D 90 26.99 -20.53 36.62
CA MET D 90 26.63 -19.16 36.29
C MET D 90 27.90 -18.30 36.22
N GLU D 91 27.78 -17.11 35.65
CA GLU D 91 28.85 -16.15 35.66
C GLU D 91 29.16 -15.73 37.10
N TYR D 92 30.45 -15.58 37.38
CA TYR D 92 30.92 -15.11 38.66
C TYR D 92 31.04 -13.62 38.59
N LEU D 93 30.31 -12.92 39.44
CA LEU D 93 30.43 -11.47 39.57
C LEU D 93 31.18 -11.16 40.86
N PRO D 94 32.52 -10.97 40.79
CA PRO D 94 33.32 -10.81 42.01
C PRO D 94 32.93 -9.67 42.96
N SER D 95 32.30 -8.61 42.45
CA SER D 95 31.90 -7.47 43.29
C SER D 95 30.86 -7.84 44.34
N GLY D 96 30.13 -8.93 44.13
CA GLY D 96 29.26 -9.53 45.13
C GLY D 96 27.86 -9.01 45.07
N CYS D 97 27.13 -9.15 46.18
CA CYS D 97 25.74 -8.76 46.24
C CYS D 97 25.59 -7.29 46.62
N LEU D 98 24.55 -6.66 46.07
CA LEU D 98 24.27 -5.25 46.30
C LEU D 98 24.20 -4.87 47.78
N ARG D 99 23.62 -5.76 48.60
CA ARG D 99 23.44 -5.51 50.03
C ARG D 99 24.77 -5.21 50.74
N ASP D 100 25.77 -6.05 50.55
CA ASP D 100 27.10 -5.81 51.10
C ASP D 100 27.79 -4.62 50.44
N PHE D 101 27.59 -4.46 49.14
CA PHE D 101 28.21 -3.40 48.35
C PHE D 101 27.85 -2.00 48.87
N LEU D 102 26.55 -1.78 49.10
CA LEU D 102 26.07 -0.50 49.61
C LEU D 102 26.67 -0.16 50.98
N GLN D 103 26.84 -1.17 51.84
CA GLN D 103 27.44 -1.00 53.16
C GLN D 103 28.94 -0.68 53.07
N ARG D 104 29.66 -1.45 52.27
CA ARG D 104 31.11 -1.27 52.07
C ARG D 104 31.45 0.08 51.43
N HIS D 105 30.67 0.49 50.44
CA HIS D 105 30.96 1.70 49.65
C HIS D 105 29.99 2.86 49.87
N ARG D 106 29.33 2.89 51.03
N ARG D 106 29.33 2.89 51.03
CA ARG D 106 28.39 3.95 51.43
CA ARG D 106 28.40 3.96 51.42
C ARG D 106 28.93 5.37 51.19
C ARG D 106 28.93 5.37 51.18
N ALA D 107 30.18 5.61 51.59
CA ALA D 107 30.83 6.92 51.45
C ALA D 107 31.17 7.38 50.02
N ARG D 108 31.09 6.48 49.04
CA ARG D 108 31.26 6.82 47.61
C ARG D 108 29.97 6.69 46.80
N LEU D 109 28.87 6.32 47.45
CA LEU D 109 27.57 6.16 46.80
C LEU D 109 26.67 7.33 47.14
N ASP D 110 25.70 7.60 46.26
CA ASP D 110 24.74 8.68 46.47
C ASP D 110 23.38 8.33 45.89
N ALA D 111 22.40 9.19 46.18
CA ALA D 111 21.01 9.00 45.74
C ALA D 111 20.89 8.78 44.23
N SER D 112 21.65 9.55 43.46
CA SER D 112 21.60 9.47 41.99
C SER D 112 22.08 8.11 41.49
N ARG D 113 23.12 7.58 42.13
CA ARG D 113 23.61 6.24 41.85
C ARG D 113 22.61 5.16 42.31
N LEU D 114 22.03 5.31 43.50
CA LEU D 114 21.00 4.38 43.97
C LEU D 114 19.82 4.33 43.00
N LEU D 115 19.55 5.47 42.37
CA LEU D 115 18.48 5.58 41.38
C LEU D 115 18.82 4.80 40.13
N LEU D 116 20.10 4.80 39.72
CA LEU D 116 20.61 3.97 38.60
C LEU D 116 20.35 2.48 38.82
N TYR D 117 20.74 1.97 39.99
CA TYR D 117 20.52 0.57 40.35
C TYR D 117 19.04 0.20 40.38
N SER D 118 18.23 1.09 40.96
CA SER D 118 16.78 0.89 41.06
C SER D 118 16.16 0.74 39.67
N SER D 119 16.58 1.62 38.78
CA SER D 119 16.14 1.63 37.40
C SER D 119 16.52 0.34 36.65
N GLN D 120 17.72 -0.17 36.89
CA GLN D 120 18.19 -1.40 36.23
C GLN D 120 17.47 -2.64 36.76
N ILE D 121 17.27 -2.70 38.08
CA ILE D 121 16.49 -3.79 38.69
C ILE D 121 15.06 -3.77 38.11
N CYS D 122 14.48 -2.57 38.05
CA CYS D 122 13.15 -2.39 37.48
C CYS D 122 13.03 -2.92 36.03
N LYS D 123 14.01 -2.65 35.20
CA LYS D 123 14.05 -3.15 33.83
C LYS D 123 14.20 -4.66 33.77
N GLY D 124 14.98 -5.21 34.69
CA GLY D 124 15.13 -6.64 34.84
C GLY D 124 13.80 -7.30 35.16
N MET D 125 13.01 -6.66 36.01
CA MET D 125 11.73 -7.18 36.44
C MET D 125 10.66 -6.99 35.36
N GLU D 126 10.76 -5.91 34.60
CA GLU D 126 9.91 -5.70 33.45
C GLU D 126 10.13 -6.84 32.44
N TYR D 127 11.39 -7.18 32.22
CA TYR D 127 11.74 -8.31 31.38
C TYR D 127 11.15 -9.59 31.92
N LEU D 128 11.37 -9.86 33.21
CA LEU D 128 10.78 -11.04 33.87
C LEU D 128 9.27 -11.14 33.71
N GLY D 129 8.59 -10.00 33.86
CA GLY D 129 7.14 -9.96 33.65
C GLY D 129 6.74 -10.33 32.23
N SER D 130 7.57 -9.91 31.26
CA SER D 130 7.32 -10.24 29.86
C SER D 130 7.50 -11.73 29.57
N ARG D 131 8.36 -12.41 30.35
CA ARG D 131 8.51 -13.88 30.26
C ARG D 131 7.57 -14.62 31.21
N ARG D 132 6.58 -13.90 31.75
CA ARG D 132 5.56 -14.44 32.64
C ARG D 132 6.15 -15.17 33.84
N CYS D 133 7.19 -14.58 34.43
CA CYS D 133 7.96 -15.20 35.48
C CYS D 133 7.90 -14.36 36.74
N VAL D 134 7.51 -14.99 37.85
CA VAL D 134 7.46 -14.32 39.15
C VAL D 134 8.70 -14.71 39.92
N HIS D 135 9.44 -13.73 40.40
CA HIS D 135 10.73 -14.00 41.05
C HIS D 135 10.53 -14.56 42.45
N ARG D 136 9.72 -13.86 43.25
CA ARG D 136 9.31 -14.26 44.63
C ARG D 136 10.35 -14.04 45.73
N ASP D 137 11.60 -13.77 45.37
CA ASP D 137 12.67 -13.56 46.34
C ASP D 137 13.49 -12.31 46.00
N LEU D 138 12.82 -11.28 45.52
CA LEU D 138 13.47 -10.03 45.14
C LEU D 138 13.89 -9.32 46.41
N ALA D 139 15.19 -9.07 46.51
CA ALA D 139 15.78 -8.46 47.69
C ALA D 139 17.22 -8.07 47.37
N ALA D 140 17.74 -7.04 48.06
CA ALA D 140 19.11 -6.56 47.81
C ALA D 140 20.19 -7.66 47.95
N ARG D 141 19.96 -8.63 48.84
N ARG D 141 19.96 -8.63 48.84
CA ARG D 141 20.84 -9.80 48.98
CA ARG D 141 20.86 -9.78 48.98
C ARG D 141 20.92 -10.68 47.72
C ARG D 141 20.92 -10.67 47.73
N ASN D 142 19.89 -10.61 46.87
CA ASN D 142 19.81 -11.40 45.62
C ASN D 142 20.11 -10.60 44.34
N ILE D 143 20.53 -9.34 44.50
CA ILE D 143 21.00 -8.52 43.40
C ILE D 143 22.52 -8.51 43.46
N LEU D 144 23.16 -8.70 42.31
CA LEU D 144 24.61 -8.77 42.21
C LEU D 144 25.14 -7.55 41.47
N VAL D 145 26.37 -7.19 41.78
CA VAL D 145 27.05 -6.05 41.19
C VAL D 145 28.01 -6.57 40.15
N GLU D 146 27.84 -6.12 38.92
CA GLU D 146 28.80 -6.44 37.86
C GLU D 146 29.86 -5.33 37.78
N SER D 147 29.42 -4.10 37.93
CA SER D 147 30.32 -2.96 38.16
C SER D 147 29.58 -1.93 39.00
N GLU D 148 30.29 -0.88 39.40
CA GLU D 148 29.69 0.23 40.15
C GLU D 148 28.50 0.90 39.45
N ALA D 149 28.38 0.73 38.12
CA ALA D 149 27.28 1.23 37.32
C ALA D 149 26.34 0.16 36.75
N HIS D 150 26.35 -1.06 37.28
CA HIS D 150 25.59 -2.16 36.66
C HIS D 150 25.30 -3.29 37.64
N VAL D 151 24.02 -3.50 37.92
CA VAL D 151 23.56 -4.61 38.76
C VAL D 151 22.69 -5.59 38.00
N LYS D 152 22.64 -6.82 38.50
CA LYS D 152 21.84 -7.88 37.90
C LYS D 152 21.05 -8.61 38.97
N ILE D 153 19.84 -9.04 38.59
CA ILE D 153 18.96 -9.82 39.44
C ILE D 153 19.42 -11.29 39.43
N ALA D 154 19.45 -11.92 40.61
CA ALA D 154 19.89 -13.31 40.76
C ALA D 154 18.95 -14.11 41.66
N ASP D 155 19.32 -15.36 41.89
CA ASP D 155 18.59 -16.29 42.74
C ASP D 155 17.14 -16.57 42.30
N PHE D 156 17.03 -17.47 41.33
CA PHE D 156 15.73 -17.91 40.81
C PHE D 156 15.22 -19.22 41.42
N GLY D 157 15.68 -19.53 42.64
CA GLY D 157 15.31 -20.75 43.35
C GLY D 157 13.86 -20.86 43.78
N LEU D 158 13.20 -19.73 43.95
CA LEU D 158 11.77 -19.72 44.29
C LEU D 158 10.90 -19.26 43.12
N ALA D 159 11.52 -18.96 41.97
CA ALA D 159 10.83 -18.35 40.85
C ALA D 159 9.88 -19.32 40.16
N LYS D 160 8.69 -18.80 39.82
CA LYS D 160 7.61 -19.57 39.22
C LYS D 160 7.24 -18.92 37.90
N LEU D 161 6.78 -19.73 36.96
CA LEU D 161 6.20 -19.24 35.71
C LEU D 161 4.69 -19.21 35.86
N LEU D 162 4.10 -18.08 35.52
CA LEU D 162 2.65 -17.93 35.60
C LEU D 162 2.02 -18.90 34.61
N PRO D 163 0.96 -19.61 35.03
CA PRO D 163 0.27 -20.41 34.01
C PRO D 163 -0.09 -19.54 32.80
N LEU D 164 -0.08 -20.15 31.63
CA LEU D 164 -0.40 -19.42 30.38
C LEU D 164 -1.79 -18.74 30.41
N ASP D 165 -2.70 -19.26 31.25
CA ASP D 165 -4.07 -18.73 31.41
C ASP D 165 -4.35 -17.84 32.65
N LYS D 166 -3.36 -17.61 33.50
CA LYS D 166 -3.57 -16.91 34.79
C LYS D 166 -2.47 -15.92 35.14
N ASP D 167 -2.81 -14.82 35.80
CA ASP D 167 -1.83 -13.79 36.19
C ASP D 167 -1.39 -13.89 37.65
N PTR D 168 -1.66 -15.03 38.27
CA PTR D 168 -1.22 -15.28 39.63
C PTR D 168 -0.98 -16.77 39.84
O PTR D 168 -1.33 -17.58 39.00
CB PTR D 168 -2.24 -14.76 40.67
CG PTR D 168 -3.51 -15.57 40.80
CD1 PTR D 168 -3.83 -16.22 42.00
CD2 PTR D 168 -4.42 -15.68 39.75
CE1 PTR D 168 -5.01 -16.96 42.14
CE2 PTR D 168 -5.61 -16.42 39.88
CZ PTR D 168 -5.88 -17.06 41.08
OH PTR D 168 -6.92 -17.71 41.25
P PTR D 168 -7.23 -19.12 40.54
O1P PTR D 168 -7.32 -18.92 39.01
O2P PTR D 168 -6.19 -20.14 40.86
O3P PTR D 168 -8.59 -19.62 41.06
N PTR D 169 -0.39 -17.08 40.99
CA PTR D 169 -0.05 -18.44 41.34
C PTR D 169 -0.08 -18.59 42.86
O PTR D 169 0.60 -17.83 43.57
CB PTR D 169 1.33 -18.66 40.70
CG PTR D 169 2.00 -19.96 41.03
CD1 PTR D 169 2.64 -20.15 42.26
CD2 PTR D 169 2.06 -21.01 40.10
CE1 PTR D 169 3.28 -21.34 42.57
CE2 PTR D 169 2.70 -22.21 40.39
CZ PTR D 169 3.31 -22.36 41.65
OH PTR D 169 3.92 -23.38 42.00
P PTR D 169 3.37 -24.87 41.86
O1P PTR D 169 4.26 -25.79 42.71
O2P PTR D 169 1.98 -24.87 42.39
O3P PTR D 169 3.40 -25.28 40.38
N VAL D 170 -0.87 -19.53 43.36
CA VAL D 170 -0.93 -19.87 44.77
C VAL D 170 0.14 -20.92 45.10
N VAL D 171 1.04 -20.58 46.04
CA VAL D 171 2.12 -21.49 46.50
C VAL D 171 1.83 -22.14 47.86
N ARG D 172 1.85 -23.47 47.93
CA ARG D 172 1.68 -24.20 49.21
C ARG D 172 2.90 -25.03 49.59
N PRO D 178 10.70 -15.76 54.08
CA PRO D 178 11.33 -14.44 54.12
C PRO D 178 10.27 -13.31 54.10
N ILE D 179 9.68 -13.08 55.26
CA ILE D 179 8.36 -12.43 55.35
C ILE D 179 8.33 -10.90 55.19
N PHE D 180 9.46 -10.25 55.42
CA PHE D 180 9.51 -8.79 55.45
C PHE D 180 9.57 -8.14 54.07
N TRP D 181 9.67 -8.97 53.03
CA TRP D 181 9.56 -8.55 51.60
C TRP D 181 8.23 -8.96 50.95
N TYR D 182 7.40 -9.67 51.70
CA TYR D 182 6.21 -10.31 51.14
C TYR D 182 5.02 -9.36 51.15
N ALA D 183 4.27 -9.35 50.03
CA ALA D 183 3.02 -8.61 49.94
C ALA D 183 1.95 -9.27 50.83
N PRO D 184 0.91 -8.53 51.25
CA PRO D 184 -0.14 -9.09 52.11
C PRO D 184 -0.82 -10.34 51.56
N GLU D 185 -1.21 -10.32 50.28
CA GLU D 185 -1.89 -11.46 49.65
C GLU D 185 -1.04 -12.74 49.64
N SER D 186 0.29 -12.57 49.61
CA SER D 186 1.24 -13.66 49.79
C SER D 186 1.25 -14.11 51.26
N LEU D 187 1.37 -13.17 52.19
CA LEU D 187 1.33 -13.50 53.64
C LEU D 187 0.00 -14.13 54.11
N SER D 188 -1.12 -13.67 53.54
CA SER D 188 -2.44 -14.13 53.96
C SER D 188 -2.94 -15.36 53.20
N ASP D 189 -2.77 -15.36 51.87
CA ASP D 189 -3.36 -16.41 51.00
C ASP D 189 -2.33 -17.10 50.09
N ASN D 190 -1.05 -16.92 50.37
CA ASN D 190 0.04 -17.54 49.60
C ASN D 190 -0.01 -17.26 48.08
N ILE D 191 -0.65 -16.16 47.69
CA ILE D 191 -0.80 -15.75 46.29
C ILE D 191 0.44 -14.99 45.87
N PHE D 192 0.92 -15.29 44.67
CA PHE D 192 2.11 -14.62 44.12
C PHE D 192 1.85 -14.23 42.66
N SER D 193 2.47 -13.15 42.24
CA SER D 193 2.18 -12.52 40.97
C SER D 193 3.25 -11.49 40.64
N ARG D 194 3.16 -10.90 39.45
CA ARG D 194 4.02 -9.77 39.10
C ARG D 194 3.81 -8.56 40.03
N GLN D 195 2.55 -8.33 40.42
N GLN D 195 2.56 -8.31 40.43
CA GLN D 195 2.20 -7.27 41.36
CA GLN D 195 2.25 -7.23 41.36
C GLN D 195 2.74 -7.55 42.77
C GLN D 195 2.75 -7.53 42.79
N SER D 196 2.89 -8.82 43.11
CA SER D 196 3.56 -9.24 44.36
C SER D 196 5.07 -8.92 44.33
N ASP D 197 5.71 -9.13 43.17
CA ASP D 197 7.09 -8.70 42.95
C ASP D 197 7.23 -7.17 43.03
N VAL D 198 6.24 -6.43 42.55
CA VAL D 198 6.23 -4.96 42.67
C VAL D 198 6.32 -4.53 44.15
N TRP D 199 5.59 -5.23 45.02
CA TRP D 199 5.65 -4.98 46.46
C TRP D 199 7.06 -5.18 46.99
N SER D 200 7.68 -6.33 46.65
CA SER D 200 9.05 -6.64 47.06
C SER D 200 10.05 -5.59 46.54
N PHE D 201 9.82 -5.15 45.30
CA PHE D 201 10.67 -4.12 44.67
C PHE D 201 10.69 -2.84 45.47
N GLY D 202 9.54 -2.45 46.00
CA GLY D 202 9.46 -1.31 46.91
C GLY D 202 10.31 -1.52 48.15
N VAL D 203 10.30 -2.73 48.70
CA VAL D 203 11.19 -3.08 49.80
C VAL D 203 12.67 -2.98 49.33
N VAL D 204 12.96 -3.35 48.09
CA VAL D 204 14.33 -3.16 47.54
C VAL D 204 14.73 -1.67 47.42
N LEU D 205 13.78 -0.81 47.04
CA LEU D 205 14.00 0.65 47.07
C LEU D 205 14.32 1.12 48.49
N TYR D 206 13.53 0.68 49.47
CA TYR D 206 13.81 0.98 50.88
C TYR D 206 15.22 0.53 51.28
N GLU D 207 15.61 -0.66 50.84
CA GLU D 207 16.96 -1.17 51.09
C GLU D 207 18.04 -0.29 50.47
N LEU D 208 17.91 -0.03 49.17
CA LEU D 208 18.82 0.83 48.43
C LEU D 208 18.98 2.17 49.12
N PHE D 209 17.86 2.81 49.43
CA PHE D 209 17.92 4.14 50.05
C PHE D 209 18.28 4.19 51.55
N THR D 210 18.26 3.04 52.22
CA THR D 210 18.93 2.89 53.52
C THR D 210 20.41 2.44 53.40
N TYR D 211 20.87 2.16 52.18
CA TYR D 211 22.21 1.60 51.91
C TYR D 211 22.45 0.29 52.64
N CYS D 212 21.37 -0.48 52.78
CA CYS D 212 21.35 -1.77 53.50
C CYS D 212 21.91 -1.72 54.91
N ASP D 213 21.70 -0.59 55.59
CA ASP D 213 22.09 -0.44 56.98
C ASP D 213 21.32 -1.48 57.81
N LYS D 214 22.06 -2.31 58.55
CA LYS D 214 21.45 -3.42 59.31
C LYS D 214 20.52 -2.98 60.44
N SER D 215 20.84 -1.83 61.05
CA SER D 215 20.06 -1.29 62.16
C SER D 215 18.66 -0.79 61.78
N CYS D 216 18.44 -0.54 60.48
CA CYS D 216 17.12 -0.16 59.98
C CYS D 216 16.70 -1.00 58.76
N SER D 217 17.06 -2.28 58.78
CA SER D 217 16.66 -3.22 57.72
C SER D 217 15.16 -3.53 57.83
N PRO D 218 14.55 -4.02 56.73
CA PRO D 218 13.14 -4.39 56.77
C PRO D 218 12.77 -5.24 57.97
N SER D 219 13.61 -6.22 58.32
CA SER D 219 13.41 -7.05 59.52
C SER D 219 13.48 -6.24 60.82
N ALA D 220 14.47 -5.35 60.94
CA ALA D 220 14.66 -4.60 62.18
C ALA D 220 13.53 -3.57 62.41
N GLU D 221 13.09 -2.90 61.35
CA GLU D 221 12.01 -1.92 61.45
C GLU D 221 10.68 -2.56 61.77
N PHE D 222 10.29 -3.53 60.95
CA PHE D 222 9.06 -4.28 61.19
C PHE D 222 9.04 -4.93 62.59
N LEU D 223 10.16 -5.49 63.05
CA LEU D 223 10.23 -6.10 64.40
C LEU D 223 10.08 -5.08 65.54
N ARG D 224 10.58 -3.85 65.32
CA ARG D 224 10.38 -2.74 66.26
C ARG D 224 8.92 -2.28 66.27
N MET D 225 8.34 -2.13 65.08
CA MET D 225 6.93 -1.75 64.93
C MET D 225 5.97 -2.76 65.51
N MET D 226 6.31 -4.04 65.41
CA MET D 226 5.40 -5.14 65.79
C MET D 226 5.78 -5.74 67.14
N LEU D 235 4.36 -13.63 61.50
CA LEU D 235 3.54 -13.71 60.29
C LEU D 235 2.17 -13.07 60.49
N SER D 236 1.45 -13.51 61.52
CA SER D 236 0.11 -13.00 61.83
C SER D 236 0.14 -11.54 62.29
N ARG D 237 1.19 -11.18 63.01
CA ARG D 237 1.36 -9.82 63.54
C ARG D 237 1.82 -8.86 62.44
N LEU D 238 2.73 -9.29 61.57
CA LEU D 238 3.16 -8.48 60.41
C LEU D 238 1.97 -8.20 59.48
N LEU D 239 1.23 -9.25 59.14
CA LEU D 239 0.05 -9.14 58.28
C LEU D 239 -0.98 -8.15 58.87
N GLU D 240 -1.11 -8.15 60.20
CA GLU D 240 -1.98 -7.22 60.91
C GLU D 240 -1.52 -5.78 60.77
N LEU D 241 -0.21 -5.53 60.95
CA LEU D 241 0.39 -4.20 60.74
C LEU D 241 0.09 -3.66 59.35
N LEU D 242 0.39 -4.49 58.35
CA LEU D 242 0.26 -4.11 56.94
C LEU D 242 -1.20 -3.84 56.54
N GLU D 243 -2.12 -4.70 56.98
CA GLU D 243 -3.56 -4.49 56.77
C GLU D 243 -4.13 -3.23 57.46
N GLU D 244 -3.50 -2.79 58.56
CA GLU D 244 -3.87 -1.53 59.25
C GLU D 244 -3.31 -0.27 58.59
N GLY D 245 -2.47 -0.45 57.56
CA GLY D 245 -1.93 0.65 56.76
C GLY D 245 -0.49 1.01 57.04
N GLN D 246 0.13 0.42 58.06
CA GLN D 246 1.49 0.78 58.46
C GLN D 246 2.50 0.28 57.44
N ARG D 247 3.53 1.09 57.23
CA ARG D 247 4.59 0.78 56.30
C ARG D 247 5.96 1.09 56.91
N LEU D 248 7.01 0.65 56.22
CA LEU D 248 8.38 1.01 56.56
C LEU D 248 8.52 2.53 56.49
N PRO D 249 9.26 3.15 57.43
CA PRO D 249 9.41 4.61 57.41
C PRO D 249 10.32 5.05 56.27
N ALA D 250 10.37 6.36 56.01
CA ALA D 250 11.26 6.91 54.98
C ALA D 250 12.71 6.74 55.44
N PRO D 251 13.60 6.22 54.56
CA PRO D 251 15.00 6.06 54.96
C PRO D 251 15.66 7.38 55.37
N PRO D 252 16.70 7.32 56.23
CA PRO D 252 17.37 8.57 56.64
C PRO D 252 17.85 9.38 55.44
N ALA D 253 17.47 10.66 55.42
CA ALA D 253 17.78 11.57 54.32
C ALA D 253 17.42 10.98 52.94
N CYS D 254 16.27 10.30 52.87
CA CYS D 254 15.73 9.78 51.60
C CYS D 254 15.03 10.90 50.86
N PRO D 255 15.16 10.95 49.52
CA PRO D 255 14.34 11.89 48.76
C PRO D 255 12.86 11.58 48.95
N ALA D 256 12.04 12.62 49.16
CA ALA D 256 10.60 12.44 49.38
C ALA D 256 9.95 11.72 48.19
N GLU D 257 10.33 12.12 46.99
CA GLU D 257 9.73 11.59 45.74
C GLU D 257 10.03 10.10 45.52
N VAL D 258 11.14 9.61 46.07
CA VAL D 258 11.44 8.17 46.06
C VAL D 258 10.58 7.42 47.08
N HIS D 259 10.40 8.00 48.26
CA HIS D 259 9.51 7.42 49.28
C HIS D 259 8.08 7.28 48.75
N GLU D 260 7.59 8.30 48.05
CA GLU D 260 6.27 8.22 47.43
C GLU D 260 6.13 7.05 46.45
N LEU D 261 7.19 6.75 45.68
CA LEU D 261 7.17 5.57 44.79
C LEU D 261 7.16 4.24 45.56
N MET D 262 7.79 4.19 46.73
CA MET D 262 7.73 3.02 47.60
C MET D 262 6.32 2.76 48.08
N LYS D 263 5.63 3.82 48.52
CA LYS D 263 4.26 3.73 49.00
C LYS D 263 3.28 3.25 47.93
N LEU D 264 3.53 3.62 46.68
CA LEU D 264 2.72 3.15 45.56
C LEU D 264 2.91 1.66 45.34
N CYS D 265 4.17 1.20 45.40
CA CYS D 265 4.49 -0.21 45.36
C CYS D 265 3.83 -1.01 46.49
N TRP D 266 3.62 -0.34 47.63
CA TRP D 266 2.96 -0.96 48.76
C TRP D 266 1.47 -0.60 48.88
N ALA D 267 0.78 -0.45 47.75
CA ALA D 267 -0.67 -0.29 47.77
C ALA D 267 -1.28 -1.61 48.29
N PRO D 268 -2.28 -1.53 49.19
CA PRO D 268 -2.89 -2.77 49.70
C PRO D 268 -3.35 -3.75 48.60
N SER D 269 -4.03 -3.23 47.59
CA SER D 269 -4.58 -4.05 46.51
C SER D 269 -3.53 -4.23 45.42
N PRO D 270 -3.29 -5.48 44.97
CA PRO D 270 -2.31 -5.76 43.89
C PRO D 270 -2.49 -4.94 42.63
N GLN D 271 -3.73 -4.78 42.19
CA GLN D 271 -4.03 -4.05 40.94
C GLN D 271 -3.85 -2.51 41.06
N ASP D 272 -3.83 -1.99 42.28
CA ASP D 272 -3.49 -0.56 42.54
C ASP D 272 -1.98 -0.27 42.58
N ARG D 273 -1.15 -1.31 42.50
CA ARG D 273 0.29 -1.14 42.41
C ARG D 273 0.69 -0.85 40.97
N PRO D 274 1.70 0.01 40.76
CA PRO D 274 2.18 0.25 39.41
C PRO D 274 2.83 -1.00 38.79
N SER D 275 2.77 -1.10 37.48
CA SER D 275 3.55 -2.09 36.81
C SER D 275 5.01 -1.61 36.80
N PHE D 276 5.92 -2.56 36.64
CA PHE D 276 7.32 -2.25 36.40
C PHE D 276 7.55 -1.35 35.17
N SER D 277 6.75 -1.55 34.12
CA SER D 277 6.75 -0.68 32.92
C SER D 277 6.29 0.74 33.25
N ALA D 278 5.39 0.88 34.21
CA ALA D 278 4.97 2.19 34.70
C ALA D 278 6.02 2.81 35.64
N LEU D 279 6.66 1.97 36.47
CA LEU D 279 7.69 2.42 37.41
C LEU D 279 8.98 2.87 36.72
N GLY D 280 9.39 2.17 35.67
CA GLY D 280 10.63 2.46 34.93
C GLY D 280 10.86 3.94 34.65
N PRO D 281 9.96 4.58 33.89
CA PRO D 281 10.08 6.00 33.61
C PRO D 281 9.96 6.90 34.83
N GLN D 282 9.11 6.56 35.79
CA GLN D 282 8.98 7.34 37.02
C GLN D 282 10.29 7.40 37.82
N LEU D 283 11.10 6.35 37.73
CA LEU D 283 12.43 6.35 38.34
C LEU D 283 13.43 7.16 37.52
N ASP D 284 13.49 6.89 36.21
CA ASP D 284 14.44 7.56 35.31
C ASP D 284 14.23 9.05 35.26
N MET D 285 12.97 9.49 35.35
CA MET D 285 12.62 10.90 35.20
C MET D 285 12.62 11.66 36.52
N LEU D 286 13.03 11.02 37.61
CA LEU D 286 13.31 11.75 38.85
C LEU D 286 14.58 12.55 38.62
N TRP D 287 14.50 13.84 38.96
CA TRP D 287 15.63 14.79 39.00
C TRP D 287 16.14 15.32 37.65
N SER D 288 15.58 14.84 36.53
CA SER D 288 15.98 15.32 35.20
C SER D 288 15.25 16.61 34.86
F32 VFC E . 2.65 -15.36 -7.83
C29 VFC E . 3.13 -15.58 -9.04
C28 VFC E . 2.28 -16.14 -10.00
C26 VFC E . 2.76 -16.39 -11.29
C24 VFC E . 4.07 -16.07 -11.59
C27 VFC E . 4.45 -15.27 -9.34
C25 VFC E . 4.89 -15.52 -10.64
N30 VFC E . 6.09 -15.32 -11.20
C33 VFC E . 7.27 -14.75 -10.54
N31 VFC E . 6.05 -15.71 -12.41
C23 VFC E . 4.83 -16.18 -12.72
C5 VFC E . 4.46 -16.71 -14.06
N3 VFC E . 3.26 -17.40 -14.29
C6 VFC E . 5.34 -16.52 -15.13
N4 VFC E . 5.05 -16.98 -16.43
C2 VFC E . 3.86 -17.66 -16.60
N7 VFC E . 3.36 -18.21 -17.71
C8 VFC E . 2.16 -18.75 -17.42
C9 VFC E . 1.91 -18.56 -16.08
C1 VFC E . 2.99 -17.85 -15.57
C10 VFC E . 0.68 -18.96 -15.36
O11 VFC E . -0.22 -19.52 -15.92
N12 VFC E . 0.55 -18.59 -14.05
C13 VFC E . -0.63 -18.83 -13.22
C22 VFC E . -1.20 -17.49 -12.79
C14 VFC E . -0.29 -19.53 -11.95
O21 VFC E . 0.71 -19.19 -11.32
N15 VFC E . -1.19 -20.50 -11.52
C17 VFC E . -2.43 -21.05 -12.10
C18 VFC E . -2.51 -22.03 -10.96
C16 VFC E . -1.27 -21.39 -10.37
C19 VFC E . -2.32 -23.42 -11.37
N20 VFC E . -2.15 -24.51 -11.72
C1 PEG F . 14.58 -19.11 -7.68
O1 PEG F . 15.55 -18.30 -6.98
C2 PEG F . 13.41 -18.28 -8.21
O2 PEG F . 13.04 -18.69 -9.54
C3 PEG F . 12.60 -17.64 -10.42
C4 PEG F . 11.33 -16.92 -9.97
O4 PEG F . 11.35 -15.54 -10.41
CL CL G . 9.25 -11.33 -20.77
CL CL H . 15.04 -18.43 -21.78
CL CL I . 19.40 -23.32 -15.59
F32 VFC J . -26.14 9.67 -49.37
C29 VFC J . -26.54 10.21 -48.24
C28 VFC J . -25.85 9.88 -47.07
C26 VFC J . -26.25 10.43 -45.86
C24 VFC J . -27.33 11.31 -45.85
C27 VFC J . -27.63 11.08 -48.22
C25 VFC J . -28.00 11.62 -47.00
N30 VFC J . -28.99 12.47 -46.67
C33 VFC J . -29.98 13.06 -47.62
N31 VFC J . -28.97 12.68 -45.43
C23 VFC J . -27.97 12.01 -44.84
C5 VFC J . -27.68 12.05 -43.38
N3 VFC J . -26.78 11.18 -42.75
C6 VFC J . -28.34 13.01 -42.60
N4 VFC J . -28.15 13.12 -41.23
C2 VFC J . -27.29 12.24 -40.62
N7 VFC J . -26.95 12.13 -39.34
C8 VFC J . -26.06 11.13 -39.23
C9 VFC J . -25.85 10.57 -40.47
C1 VFC J . -26.62 11.29 -41.36
C10 VFC J . -24.91 9.48 -40.76
O11 VFC J . -24.33 8.91 -39.87
N12 VFC J . -24.61 9.22 -42.09
C13 VFC J . -23.67 8.23 -42.61
C22 VFC J . -22.74 8.92 -43.60
C14 VFC J . -24.38 7.17 -43.40
O21 VFC J . -25.25 7.50 -44.17
N15 VFC J . -24.01 5.86 -43.25
C17 VFC J . -23.04 5.17 -42.40
C18 VFC J . -23.46 3.82 -42.97
C16 VFC J . -24.45 4.58 -43.83
C19 VFC J . -24.14 3.01 -41.97
N20 VFC J . -24.66 2.37 -41.17
O1 PG4 K . -21.88 32.05 -45.80
C1 PG4 K . -23.10 32.62 -46.31
C2 PG4 K . -23.12 32.75 -47.83
O2 PG4 K . -23.51 31.53 -48.46
C3 PG4 K . -23.37 31.57 -49.89
C4 PG4 K . -23.98 30.33 -50.54
O3 PG4 K . -22.98 29.56 -51.23
C5 PG4 K . -23.23 28.14 -51.31
C6 PG4 K . -24.48 27.75 -52.12
O4 PG4 K . -25.02 26.48 -51.74
C7 PG4 K . -25.84 26.49 -50.56
C8 PG4 K . -27.25 25.96 -50.75
O5 PG4 K . -27.98 26.10 -49.53
C1 PEG L . -33.35 13.94 -48.56
O1 PEG L . -32.80 14.66 -47.45
C2 PEG L . -34.03 12.65 -48.13
O2 PEG L . -35.30 12.94 -47.53
C3 PEG L . -35.95 11.76 -47.04
C4 PEG L . -37.46 11.89 -47.17
O4 PEG L . -38.00 10.83 -47.98
F32 VFC M . -3.51 13.07 10.32
C29 VFC M . -3.86 13.60 11.48
C28 VFC M . -3.14 13.26 12.63
C26 VFC M . -3.49 13.79 13.87
C24 VFC M . -4.57 14.66 13.92
C27 VFC M . -4.94 14.48 11.54
C25 VFC M . -5.27 15.00 12.79
N30 VFC M . -6.23 15.85 13.16
C33 VFC M . -7.24 16.48 12.28
N31 VFC M . -6.16 16.06 14.40
C23 VFC M . -5.15 15.36 14.95
C5 VFC M . -4.83 15.39 16.39
N3 VFC M . -3.94 14.51 17.00
C6 VFC M . -5.47 16.36 17.17
N4 VFC M . -5.25 16.49 18.54
C2 VFC M . -4.36 15.60 19.11
N7 VFC M . -3.97 15.50 20.40
C8 VFC M . -3.09 14.50 20.48
C9 VFC M . -2.93 13.94 19.23
C1 VFC M . -3.74 14.65 18.38
C10 VFC M . -2.02 12.84 18.88
O11 VFC M . -1.38 12.29 19.76
N12 VFC M . -1.88 12.52 17.54
C13 VFC M . -1.00 11.50 16.97
C22 VFC M . -0.11 12.18 15.93
C14 VFC M . -1.74 10.46 16.18
O21 VFC M . -2.67 10.78 15.48
N15 VFC M . -1.32 9.16 16.26
C17 VFC M . -0.25 8.48 17.00
C18 VFC M . -0.72 7.14 16.49
C16 VFC M . -1.75 7.90 15.66
C19 VFC M . -1.28 6.32 17.45
N20 VFC M . -1.80 5.61 18.34
O1 PG4 N . 0.33 35.66 14.49
C1 PG4 N . -0.35 36.24 13.36
C2 PG4 N . 0.12 35.64 12.05
O2 PG4 N . -0.96 35.28 11.19
C3 PG4 N . -0.60 35.07 9.83
C4 PG4 N . -1.34 33.86 9.25
O3 PG4 N . -0.43 32.78 8.95
C5 PG4 N . -0.73 31.99 7.79
C6 PG4 N . -1.39 30.66 8.18
O4 PG4 N . -2.81 30.81 8.29
C7 PG4 N . -3.43 29.71 8.97
C8 PG4 N . -4.90 29.99 9.27
O5 PG4 N . -5.25 29.51 10.57
F32 VFC O . 26.50 -12.69 50.16
C29 VFC O . 26.92 -12.91 48.91
C28 VFC O . 26.04 -13.49 47.98
C26 VFC O . 26.45 -13.74 46.68
C24 VFC O . 27.76 -13.41 46.33
C27 VFC O . 28.21 -12.57 48.55
C25 VFC O . 28.60 -12.83 47.24
N30 VFC O . 29.76 -12.61 46.62
C33 VFC O . 30.96 -12.03 47.24
N31 VFC O . 29.70 -13.00 45.42
C23 VFC O . 28.48 -13.49 45.16
C5 VFC O . 28.09 -14.02 43.84
N3 VFC O . 26.87 -14.68 43.64
C6 VFC O . 28.95 -13.85 42.76
N4 VFC O . 28.64 -14.34 41.48
C2 VFC O . 27.43 -14.98 41.34
N7 VFC O . 26.89 -15.53 40.24
C8 VFC O . 25.70 -16.06 40.57
C9 VFC O . 25.48 -15.86 41.91
C1 VFC O . 26.57 -15.15 42.38
C10 VFC O . 24.24 -16.24 42.64
O11 VFC O . 23.35 -16.86 42.08
N12 VFC O . 24.13 -15.82 43.95
C13 VFC O . 22.99 -16.04 44.83
C22 VFC O . 22.56 -14.66 45.31
C14 VFC O . 23.36 -16.77 46.09
O21 VFC O . 24.39 -16.50 46.66
N15 VFC O . 22.49 -17.73 46.58
C17 VFC O . 21.20 -18.27 46.14
C18 VFC O . 21.17 -19.20 47.34
C16 VFC O . 22.51 -18.60 47.75
C19 VFC O . 21.30 -20.60 47.01
N20 VFC O . 21.41 -21.72 46.70
CL CL P . 38.52 -15.66 36.02
#